data_2K4F
#
_entry.id   2K4F
#
_entity_poly.entity_id   1
_entity_poly.type   'polypeptide(L)'
_entity_poly.pdbx_seq_one_letter_code
;CSKNRKAKAKPVTRGTGAGSRPRGQNKERPPPVPNPDYEPIRKGQRDLYSGLNQRAV
;
_entity_poly.pdbx_strand_id   A
#
# COMPACT_ATOMS: atom_id res chain seq x y z
N CYS A 1 2.88 -1.24 -9.08
CA CYS A 1 2.45 -2.65 -9.29
C CYS A 1 0.99 -2.80 -8.91
N SER A 2 0.29 -1.67 -8.82
CA SER A 2 -1.13 -1.68 -8.48
C SER A 2 -1.76 -0.33 -8.82
N LYS A 3 -2.84 -0.36 -9.58
CA LYS A 3 -3.54 0.87 -9.96
C LYS A 3 -2.61 1.85 -10.66
N ASN A 4 -1.45 1.36 -11.08
CA ASN A 4 -0.47 2.21 -11.77
C ASN A 4 -0.39 3.60 -11.12
N ARG A 5 -0.80 3.69 -9.87
CA ARG A 5 -0.78 4.96 -9.14
C ARG A 5 0.63 5.22 -8.58
N LYS A 6 1.04 4.40 -7.62
CA LYS A 6 2.36 4.55 -7.01
C LYS A 6 2.61 3.46 -5.98
N ALA A 7 2.98 2.27 -6.45
CA ALA A 7 3.25 1.15 -5.55
C ALA A 7 1.97 0.76 -4.79
N LYS A 8 1.46 1.68 -3.97
CA LYS A 8 0.25 1.41 -3.19
C LYS A 8 0.39 0.12 -2.40
N ALA A 9 1.24 0.16 -1.39
CA ALA A 9 1.47 -1.00 -0.55
C ALA A 9 2.37 -0.64 0.62
N LYS A 10 2.59 0.67 0.81
CA LYS A 10 3.42 1.16 1.91
C LYS A 10 2.57 1.60 3.09
N PRO A 11 1.42 2.17 2.86
CA PRO A 11 0.51 2.63 3.95
C PRO A 11 0.15 1.50 4.92
N VAL A 12 0.94 1.36 5.95
CA VAL A 12 0.71 0.33 6.96
C VAL A 12 -0.57 0.61 7.73
N THR A 13 -0.77 1.88 8.03
CA THR A 13 -1.94 2.30 8.76
C THR A 13 -3.19 1.95 7.98
N ARG A 14 -3.03 1.73 6.68
CA ARG A 14 -4.18 1.39 5.82
C ARG A 14 -4.47 -0.12 5.89
N GLY A 15 -3.76 -0.83 6.76
CA GLY A 15 -3.97 -2.28 6.90
C GLY A 15 -4.08 -2.94 5.53
N THR A 16 -3.32 -2.44 4.56
CA THR A 16 -3.32 -2.98 3.21
C THR A 16 -3.21 -4.50 3.23
N GLY A 17 -4.32 -5.18 3.50
CA GLY A 17 -4.32 -6.63 3.55
C GLY A 17 -4.04 -7.21 2.16
N ALA A 18 -5.04 -7.14 1.29
CA ALA A 18 -4.91 -7.64 -0.08
C ALA A 18 -5.23 -9.14 -0.11
N GLY A 19 -6.27 -9.53 0.62
CA GLY A 19 -6.65 -10.95 0.67
C GLY A 19 -7.10 -11.44 -0.69
N SER A 20 -7.92 -10.63 -1.37
CA SER A 20 -8.42 -11.00 -2.69
C SER A 20 -7.48 -10.51 -3.78
N ARG A 21 -6.42 -9.84 -3.36
CA ARG A 21 -5.39 -9.29 -4.28
C ARG A 21 -5.91 -8.00 -4.95
N PRO A 22 -5.02 -7.11 -5.32
CA PRO A 22 -5.41 -5.82 -5.96
C PRO A 22 -6.01 -5.99 -7.37
N ARG A 23 -5.49 -6.96 -8.09
CA ARG A 23 -5.94 -7.26 -9.46
C ARG A 23 -6.38 -5.98 -10.21
N GLY A 24 -5.42 -5.26 -10.77
CA GLY A 24 -5.75 -4.05 -11.50
C GLY A 24 -4.74 -3.83 -12.63
N GLN A 25 -4.44 -2.55 -12.88
CA GLN A 25 -3.49 -2.16 -13.93
C GLN A 25 -3.48 -3.17 -15.08
N ASN A 26 -4.63 -3.31 -15.74
CA ASN A 26 -4.78 -4.25 -16.85
C ASN A 26 -4.90 -3.50 -18.17
N LYS A 27 -4.42 -2.26 -18.20
CA LYS A 27 -4.48 -1.44 -19.42
C LYS A 27 -3.08 -1.03 -19.89
N GLU A 28 -2.05 -1.53 -19.19
CA GLU A 28 -0.64 -1.23 -19.52
C GLU A 28 -0.50 -0.71 -20.95
N ARG A 29 0.00 0.50 -21.08
CA ARG A 29 0.17 1.13 -22.37
C ARG A 29 1.18 2.29 -22.31
N PRO A 30 1.12 3.11 -21.29
CA PRO A 30 2.04 4.26 -21.13
C PRO A 30 3.33 3.87 -20.40
N PRO A 31 4.37 3.39 -21.07
CA PRO A 31 5.65 3.01 -20.38
C PRO A 31 6.00 3.95 -19.21
N PRO A 32 6.06 5.26 -19.43
CA PRO A 32 6.39 6.23 -18.34
C PRO A 32 5.85 5.76 -16.99
N VAL A 33 6.61 6.05 -15.94
CA VAL A 33 6.21 5.67 -14.58
C VAL A 33 5.96 6.93 -13.72
N PRO A 34 4.85 7.02 -13.00
CA PRO A 34 4.57 8.20 -12.15
C PRO A 34 5.76 8.60 -11.27
N ASN A 35 5.95 9.91 -11.15
CA ASN A 35 7.04 10.46 -10.34
C ASN A 35 6.59 10.61 -8.87
N PRO A 36 5.35 10.95 -8.62
CA PRO A 36 4.84 11.11 -7.23
C PRO A 36 5.13 9.89 -6.36
N ASP A 37 5.59 8.82 -6.98
CA ASP A 37 5.91 7.60 -6.24
C ASP A 37 7.28 7.72 -5.60
N TYR A 38 7.92 8.88 -5.78
CA TYR A 38 9.25 9.10 -5.22
C TYR A 38 9.17 9.44 -3.74
N GLU A 39 7.95 9.49 -3.20
CA GLU A 39 7.75 9.82 -1.78
C GLU A 39 6.94 8.75 -1.04
N PRO A 40 7.53 7.59 -0.81
CA PRO A 40 6.85 6.47 -0.09
C PRO A 40 6.86 6.66 1.43
N ILE A 41 7.15 7.88 1.84
CA ILE A 41 7.19 8.22 3.25
C ILE A 41 5.78 8.20 3.84
N ARG A 42 4.81 8.30 2.96
CA ARG A 42 3.40 8.32 3.37
C ARG A 42 3.02 7.00 4.06
N LYS A 43 3.23 6.96 5.38
CA LYS A 43 2.91 5.78 6.16
C LYS A 43 3.10 6.06 7.65
N GLY A 44 2.01 6.27 8.38
CA GLY A 44 2.13 6.55 9.82
C GLY A 44 2.87 5.45 10.55
N GLN A 45 2.52 4.20 10.26
CA GLN A 45 3.18 3.07 10.91
C GLN A 45 3.30 3.29 12.41
N ARG A 46 2.17 3.22 13.10
CA ARG A 46 2.14 3.39 14.56
C ARG A 46 1.00 2.60 15.17
N ASP A 47 0.05 2.18 14.33
CA ASP A 47 -1.10 1.41 14.82
C ASP A 47 -0.79 -0.09 14.77
N LEU A 48 0.38 -0.42 14.25
CA LEU A 48 0.78 -1.81 14.14
C LEU A 48 1.08 -2.39 15.53
N TYR A 49 1.47 -1.50 16.46
CA TYR A 49 1.80 -1.93 17.83
C TYR A 49 0.54 -1.98 18.69
N SER A 50 -0.34 -0.98 18.52
CA SER A 50 -1.58 -0.92 19.29
C SER A 50 -2.55 -2.02 18.86
N GLY A 51 -2.58 -2.29 17.55
CA GLY A 51 -3.46 -3.31 17.02
C GLY A 51 -2.92 -4.71 17.29
N LEU A 52 -1.71 -4.78 17.84
CA LEU A 52 -1.10 -6.09 18.15
C LEU A 52 -1.50 -6.55 19.56
N ASN A 53 -2.22 -5.70 20.28
CA ASN A 53 -2.65 -6.05 21.64
C ASN A 53 -3.13 -7.48 21.70
N GLN A 54 -3.81 -7.93 20.64
CA GLN A 54 -4.33 -9.31 20.60
C GLN A 54 -5.01 -9.66 21.93
N ARG A 55 -5.23 -8.64 22.76
CA ARG A 55 -5.86 -8.84 24.06
C ARG A 55 -5.10 -9.89 24.88
N ALA A 56 -4.47 -9.44 25.96
CA ALA A 56 -3.70 -10.34 26.84
C ALA A 56 -2.98 -11.40 26.01
N VAL A 57 -2.04 -10.96 25.19
CA VAL A 57 -1.28 -11.88 24.34
C VAL A 57 -0.50 -12.87 25.20
N CYS A 1 -4.18 -9.16 -6.12
CA CYS A 1 -4.93 -9.56 -7.34
C CYS A 1 -5.98 -8.49 -7.65
N SER A 2 -7.04 -8.47 -6.86
CA SER A 2 -8.12 -7.50 -7.07
C SER A 2 -7.75 -6.15 -6.45
N LYS A 3 -7.24 -5.24 -7.28
CA LYS A 3 -6.86 -3.92 -6.80
C LYS A 3 -6.07 -4.02 -5.49
N ASN A 4 -4.84 -4.48 -5.59
CA ASN A 4 -3.96 -4.60 -4.42
C ASN A 4 -4.56 -5.57 -3.39
N ARG A 5 -5.05 -6.72 -3.85
CA ARG A 5 -5.64 -7.72 -2.95
C ARG A 5 -4.56 -8.67 -2.44
N LYS A 6 -3.59 -8.99 -3.30
CA LYS A 6 -2.51 -9.90 -2.92
C LYS A 6 -1.83 -9.45 -1.62
N ALA A 7 -1.87 -8.14 -1.35
CA ALA A 7 -1.26 -7.59 -0.13
C ALA A 7 -2.29 -6.81 0.67
N LYS A 8 -3.32 -7.50 1.16
CA LYS A 8 -4.34 -6.85 1.95
C LYS A 8 -5.18 -7.89 2.71
N ALA A 9 -5.00 -9.16 2.35
CA ALA A 9 -5.74 -10.25 2.99
C ALA A 9 -5.50 -11.57 2.26
N LYS A 10 -5.04 -11.46 1.02
CA LYS A 10 -4.75 -12.65 0.20
C LYS A 10 -6.07 -13.37 -0.14
N PRO A 11 -6.08 -14.14 -1.21
CA PRO A 11 -7.28 -14.92 -1.62
C PRO A 11 -7.61 -16.01 -0.60
N VAL A 12 -8.90 -16.24 -0.41
CA VAL A 12 -9.40 -17.24 0.53
C VAL A 12 -10.90 -17.05 0.77
N THR A 13 -11.26 -15.85 1.19
CA THR A 13 -12.66 -15.51 1.48
C THR A 13 -13.31 -14.80 0.28
N ARG A 14 -12.58 -13.87 -0.35
CA ARG A 14 -13.12 -13.13 -1.51
C ARG A 14 -12.33 -13.46 -2.77
N GLY A 15 -11.94 -14.73 -2.91
CA GLY A 15 -11.19 -15.15 -4.08
C GLY A 15 -11.95 -14.79 -5.35
N THR A 16 -11.72 -13.57 -5.83
CA THR A 16 -12.38 -13.09 -7.03
C THR A 16 -11.97 -13.92 -8.24
N GLY A 17 -11.27 -13.29 -9.18
CA GLY A 17 -10.82 -13.97 -10.38
C GLY A 17 -9.67 -13.20 -11.02
N ALA A 18 -9.95 -12.53 -12.14
CA ALA A 18 -8.93 -11.76 -12.83
C ALA A 18 -9.56 -10.67 -13.68
N GLY A 19 -10.36 -9.80 -13.05
CA GLY A 19 -11.04 -8.71 -13.75
C GLY A 19 -10.39 -7.36 -13.43
N SER A 20 -9.09 -7.39 -13.12
CA SER A 20 -8.34 -6.17 -12.78
C SER A 20 -7.05 -6.09 -13.60
N ARG A 21 -7.08 -6.65 -14.80
CA ARG A 21 -5.90 -6.65 -15.67
C ARG A 21 -5.50 -5.20 -16.04
N PRO A 22 -4.23 -4.93 -16.27
CA PRO A 22 -3.78 -3.55 -16.64
C PRO A 22 -4.66 -2.93 -17.73
N ARG A 23 -4.93 -3.72 -18.76
CA ARG A 23 -5.76 -3.28 -19.89
C ARG A 23 -4.93 -2.38 -20.80
N GLY A 24 -4.06 -1.61 -20.19
CA GLY A 24 -3.19 -0.69 -20.92
C GLY A 24 -2.83 0.52 -20.04
N GLN A 25 -3.81 1.39 -19.81
CA GLN A 25 -3.61 2.60 -18.98
C GLN A 25 -2.18 3.11 -19.10
N ASN A 26 -1.89 3.79 -20.20
CA ASN A 26 -0.56 4.33 -20.44
C ASN A 26 -0.63 5.55 -21.35
N LYS A 27 -0.85 6.70 -20.74
CA LYS A 27 -0.92 7.95 -21.49
C LYS A 27 0.48 8.36 -21.94
N GLU A 28 1.29 7.37 -22.29
CA GLU A 28 2.65 7.60 -22.75
C GLU A 28 3.45 8.43 -21.74
N ARG A 29 3.21 8.17 -20.46
CA ARG A 29 3.92 8.90 -19.41
C ARG A 29 5.28 8.24 -19.12
N PRO A 30 6.25 9.01 -18.69
CA PRO A 30 7.61 8.49 -18.38
C PRO A 30 7.56 7.10 -17.72
N PRO A 31 8.60 6.32 -17.85
CA PRO A 31 8.67 4.96 -17.24
C PRO A 31 7.99 4.91 -15.87
N PRO A 32 7.56 3.75 -15.43
CA PRO A 32 6.90 3.59 -14.09
C PRO A 32 7.62 4.40 -13.01
N VAL A 33 6.86 5.21 -12.27
CA VAL A 33 7.41 6.03 -11.20
C VAL A 33 6.29 6.74 -10.43
N PRO A 34 5.52 6.00 -9.67
CA PRO A 34 4.40 6.57 -8.87
C PRO A 34 4.90 7.43 -7.71
N ASN A 35 4.13 8.44 -7.33
CA ASN A 35 4.51 9.32 -6.23
C ASN A 35 4.34 8.57 -4.89
N PRO A 36 3.24 7.88 -4.71
CA PRO A 36 2.96 7.12 -3.45
C PRO A 36 4.11 6.21 -3.08
N ASP A 37 5.06 6.05 -4.00
CA ASP A 37 6.21 5.19 -3.72
C ASP A 37 7.05 5.79 -2.60
N TYR A 38 6.94 7.10 -2.44
CA TYR A 38 7.69 7.80 -1.39
C TYR A 38 7.09 7.56 -0.01
N GLU A 39 6.38 6.43 0.15
CA GLU A 39 5.78 6.09 1.44
C GLU A 39 6.69 6.49 2.63
N PRO A 40 7.94 6.05 2.67
CA PRO A 40 8.87 6.40 3.82
C PRO A 40 9.20 7.90 3.89
N ILE A 41 8.33 8.73 3.32
CA ILE A 41 8.53 10.18 3.34
C ILE A 41 7.21 10.89 3.71
N ARG A 42 6.47 10.31 4.64
CA ARG A 42 5.21 10.90 5.09
C ARG A 42 4.75 10.25 6.40
N LYS A 43 5.54 10.44 7.45
CA LYS A 43 5.22 9.88 8.76
C LYS A 43 5.95 10.63 9.87
N GLY A 44 5.23 11.04 10.91
CA GLY A 44 5.85 11.78 12.01
C GLY A 44 6.88 10.93 12.76
N GLN A 45 6.54 9.67 13.01
CA GLN A 45 7.47 8.76 13.71
C GLN A 45 7.98 9.39 15.00
N ARG A 46 7.12 9.41 16.01
CA ARG A 46 7.50 9.97 17.30
C ARG A 46 6.54 9.49 18.39
N ASP A 47 5.29 9.23 17.99
CA ASP A 47 4.27 8.77 18.92
C ASP A 47 4.55 7.33 19.34
N LEU A 48 5.49 6.69 18.66
CA LEU A 48 5.83 5.30 18.97
C LEU A 48 6.75 5.25 20.19
N TYR A 49 7.21 6.42 20.64
CA TYR A 49 8.10 6.51 21.79
C TYR A 49 7.41 7.18 22.98
N SER A 50 6.17 7.63 22.78
CA SER A 50 5.41 8.29 23.84
C SER A 50 4.27 7.39 24.30
N GLY A 51 3.68 6.68 23.36
CA GLY A 51 2.57 5.78 23.68
C GLY A 51 3.09 4.43 24.16
N LEU A 52 4.25 4.03 23.65
CA LEU A 52 4.83 2.74 24.04
C LEU A 52 5.31 2.80 25.48
N ASN A 53 5.83 3.96 25.88
CA ASN A 53 6.34 4.12 27.24
C ASN A 53 5.24 3.93 28.27
N GLN A 54 3.98 3.83 27.82
CA GLN A 54 2.87 3.64 28.75
C GLN A 54 2.99 4.59 29.94
N ARG A 55 3.95 5.51 29.85
CA ARG A 55 4.20 6.46 30.93
C ARG A 55 4.73 5.76 32.16
N ALA A 56 5.97 6.09 32.51
CA ALA A 56 6.62 5.51 33.68
C ALA A 56 7.17 4.13 33.35
N VAL A 57 8.01 4.09 32.32
CA VAL A 57 8.61 2.83 31.90
C VAL A 57 9.64 2.36 32.93
N CYS A 1 3.97 0.89 -6.17
CA CYS A 1 4.33 0.22 -7.45
C CYS A 1 3.10 0.11 -8.35
N SER A 2 1.93 0.37 -7.78
CA SER A 2 0.69 0.30 -8.53
C SER A 2 -0.39 1.14 -7.84
N LYS A 3 -1.02 2.05 -8.59
CA LYS A 3 -2.07 2.90 -8.02
C LYS A 3 -1.70 3.36 -6.61
N ASN A 4 -0.40 3.50 -6.34
CA ASN A 4 0.04 3.94 -5.02
C ASN A 4 -0.58 3.07 -3.94
N ARG A 5 -0.35 1.76 -4.04
CA ARG A 5 -0.90 0.82 -3.06
C ARG A 5 -0.53 1.26 -1.65
N LYS A 6 0.49 2.10 -1.55
CA LYS A 6 0.94 2.62 -0.24
C LYS A 6 1.70 1.54 0.54
N ALA A 7 2.96 1.36 0.21
CA ALA A 7 3.77 0.37 0.90
C ALA A 7 3.14 -1.01 0.78
N LYS A 8 2.14 -1.29 1.63
CA LYS A 8 1.45 -2.59 1.62
C LYS A 8 0.50 -2.68 2.80
N ALA A 9 0.70 -1.80 3.78
CA ALA A 9 -0.13 -1.81 4.99
C ALA A 9 0.40 -2.83 5.99
N LYS A 10 0.19 -2.56 7.28
CA LYS A 10 0.64 -3.45 8.36
C LYS A 10 -0.51 -4.34 8.86
N PRO A 11 -1.71 -3.82 8.93
CA PRO A 11 -2.90 -4.59 9.41
C PRO A 11 -3.13 -5.87 8.64
N VAL A 12 -2.49 -5.97 7.48
CA VAL A 12 -2.61 -7.15 6.61
C VAL A 12 -4.02 -7.28 6.09
N THR A 13 -4.96 -7.15 6.99
CA THR A 13 -6.37 -7.22 6.63
C THR A 13 -6.74 -5.99 5.83
N ARG A 14 -6.05 -4.88 6.11
CA ARG A 14 -6.36 -3.63 5.38
C ARG A 14 -5.77 -3.67 3.96
N GLY A 15 -4.77 -4.55 3.73
CA GLY A 15 -4.15 -4.67 2.40
C GLY A 15 -4.67 -5.89 1.64
N THR A 16 -5.78 -6.46 2.10
CA THR A 16 -6.36 -7.62 1.44
C THR A 16 -7.12 -7.21 0.18
N GLY A 17 -6.50 -6.36 -0.63
CA GLY A 17 -7.14 -5.88 -1.87
C GLY A 17 -7.95 -7.01 -2.51
N ALA A 18 -7.24 -8.00 -3.05
CA ALA A 18 -7.89 -9.16 -3.67
C ALA A 18 -8.58 -8.74 -4.97
N GLY A 19 -8.47 -9.54 -6.03
CA GLY A 19 -9.11 -9.19 -7.30
C GLY A 19 -8.37 -8.02 -7.98
N SER A 20 -7.26 -7.59 -7.39
CA SER A 20 -6.48 -6.48 -7.92
C SER A 20 -5.37 -6.99 -8.85
N ARG A 21 -5.29 -8.30 -9.00
CA ARG A 21 -4.27 -8.92 -9.83
C ARG A 21 -3.98 -8.07 -11.08
N PRO A 22 -2.77 -8.11 -11.60
CA PRO A 22 -2.38 -7.32 -12.81
C PRO A 22 -3.50 -7.24 -13.86
N ARG A 23 -4.34 -8.28 -13.87
CA ARG A 23 -5.47 -8.37 -14.83
C ARG A 23 -5.96 -6.98 -15.23
N GLY A 24 -5.73 -6.64 -16.50
CA GLY A 24 -6.12 -5.35 -17.03
C GLY A 24 -4.92 -4.67 -17.67
N GLN A 25 -4.80 -3.37 -17.42
CA GLN A 25 -3.69 -2.58 -17.95
C GLN A 25 -3.31 -3.06 -19.34
N ASN A 26 -4.17 -2.76 -20.31
CA ASN A 26 -3.92 -3.15 -21.70
C ASN A 26 -4.46 -2.12 -22.69
N LYS A 27 -4.14 -0.84 -22.45
CA LYS A 27 -4.60 0.24 -23.32
C LYS A 27 -3.50 0.67 -24.29
N GLU A 28 -2.26 0.47 -23.88
CA GLU A 28 -1.12 0.86 -24.71
C GLU A 28 -1.24 2.31 -25.11
N ARG A 29 -0.59 3.18 -24.35
CA ARG A 29 -0.63 4.62 -24.64
C ARG A 29 0.10 5.41 -23.55
N PRO A 30 -0.18 5.14 -22.29
CA PRO A 30 0.45 5.88 -21.17
C PRO A 30 1.85 5.33 -20.84
N PRO A 31 2.76 6.18 -20.39
CA PRO A 31 4.14 5.75 -20.05
C PRO A 31 4.17 4.92 -18.75
N PRO A 32 4.55 3.65 -18.78
CA PRO A 32 4.63 2.81 -17.55
C PRO A 32 5.39 3.49 -16.42
N VAL A 33 5.72 2.71 -15.40
CA VAL A 33 6.46 3.22 -14.23
C VAL A 33 5.70 4.38 -13.58
N PRO A 34 5.11 4.19 -12.41
CA PRO A 34 4.37 5.27 -11.72
C PRO A 34 5.29 6.31 -11.07
N ASN A 35 4.78 7.52 -10.89
CA ASN A 35 5.54 8.61 -10.29
C ASN A 35 5.11 8.82 -8.83
N PRO A 36 3.83 8.74 -8.56
CA PRO A 36 3.29 8.96 -7.18
C PRO A 36 3.95 8.05 -6.14
N ASP A 37 4.74 7.10 -6.61
CA ASP A 37 5.44 6.17 -5.73
C ASP A 37 6.81 6.73 -5.34
N TYR A 38 7.11 7.95 -5.80
CA TYR A 38 8.40 8.58 -5.51
C TYR A 38 8.33 9.36 -4.20
N GLU A 39 7.21 9.21 -3.47
CA GLU A 39 7.02 9.90 -2.19
C GLU A 39 6.86 8.90 -1.03
N PRO A 40 7.76 7.93 -0.91
CA PRO A 40 7.69 6.89 0.16
C PRO A 40 7.93 7.46 1.57
N ILE A 41 7.93 8.79 1.66
CA ILE A 41 8.14 9.48 2.92
C ILE A 41 6.81 10.03 3.44
N ARG A 42 5.71 9.50 2.92
CA ARG A 42 4.37 9.93 3.33
C ARG A 42 3.72 8.87 4.20
N LYS A 43 3.91 8.98 5.51
CA LYS A 43 3.33 8.03 6.44
C LYS A 43 3.50 8.51 7.88
N GLY A 44 2.61 8.05 8.75
CA GLY A 44 2.67 8.44 10.17
C GLY A 44 3.71 7.64 10.92
N GLN A 45 3.48 6.34 11.04
CA GLN A 45 4.41 5.46 11.77
C GLN A 45 4.79 6.08 13.10
N ARG A 46 4.00 5.77 14.12
CA ARG A 46 4.25 6.28 15.46
C ARG A 46 3.23 5.73 16.44
N ASP A 47 2.10 5.27 15.92
CA ASP A 47 1.05 4.71 16.76
C ASP A 47 1.25 3.22 16.96
N LEU A 48 2.30 2.68 16.34
CA LEU A 48 2.58 1.26 16.46
C LEU A 48 2.88 0.92 17.91
N TYR A 49 3.50 1.86 18.62
CA TYR A 49 3.84 1.64 20.03
C TYR A 49 2.58 1.56 20.89
N SER A 50 1.58 2.36 20.54
CA SER A 50 0.33 2.38 21.29
C SER A 50 -0.47 1.09 21.09
N GLY A 51 -0.48 0.60 19.85
CA GLY A 51 -1.22 -0.62 19.52
C GLY A 51 -0.52 -1.84 20.10
N LEU A 52 0.63 -1.62 20.73
CA LEU A 52 1.39 -2.71 21.32
C LEU A 52 0.59 -3.34 22.46
N ASN A 53 -0.07 -2.51 23.26
CA ASN A 53 -0.86 -3.00 24.37
C ASN A 53 -2.17 -3.59 23.86
N GLN A 54 -2.08 -4.36 22.77
CA GLN A 54 -3.26 -4.99 22.18
C GLN A 54 -3.81 -6.07 23.12
N ARG A 55 -3.61 -5.88 24.41
CA ARG A 55 -4.09 -6.84 25.41
C ARG A 55 -3.47 -8.19 25.19
N ALA A 56 -2.90 -8.73 26.25
CA ALA A 56 -2.27 -10.04 26.18
C ALA A 56 -1.30 -10.11 25.01
N VAL A 57 -0.28 -9.26 25.05
CA VAL A 57 0.72 -9.21 24.00
C VAL A 57 1.18 -10.62 23.64
N CYS A 1 0.28 -4.77 -4.14
CA CYS A 1 0.17 -4.70 -2.65
C CYS A 1 0.25 -3.25 -2.20
N SER A 2 -0.28 -2.35 -3.03
CA SER A 2 -0.26 -0.93 -2.71
C SER A 2 -1.32 -0.20 -3.52
N LYS A 3 -1.62 1.05 -3.13
CA LYS A 3 -2.61 1.86 -3.82
C LYS A 3 -1.97 2.72 -4.90
N ASN A 4 -0.77 2.33 -5.29
CA ASN A 4 -0.02 3.05 -6.33
C ASN A 4 0.48 4.39 -5.80
N ARG A 5 -0.39 5.11 -5.11
CA ARG A 5 -0.03 6.42 -4.56
C ARG A 5 1.03 6.29 -3.49
N LYS A 6 0.89 5.27 -2.63
CA LYS A 6 1.84 5.05 -1.55
C LYS A 6 2.04 3.56 -1.34
N ALA A 7 3.30 3.13 -1.29
CA ALA A 7 3.61 1.70 -1.08
C ALA A 7 4.34 1.54 0.24
N LYS A 8 3.62 1.74 1.34
CA LYS A 8 4.21 1.60 2.68
C LYS A 8 3.18 1.08 3.67
N ALA A 9 2.28 0.23 3.17
CA ALA A 9 1.23 -0.36 4.02
C ALA A 9 1.33 -1.88 3.99
N LYS A 10 0.94 -2.52 5.11
CA LYS A 10 1.00 -3.97 5.20
C LYS A 10 0.10 -4.46 6.33
N PRO A 11 -1.11 -3.96 6.42
CA PRO A 11 -2.09 -4.35 7.48
C PRO A 11 -2.44 -5.83 7.41
N VAL A 12 -2.34 -6.49 8.55
CA VAL A 12 -2.67 -7.91 8.65
C VAL A 12 -4.15 -8.12 8.83
N THR A 13 -4.74 -7.36 9.75
CA THR A 13 -6.17 -7.48 10.04
C THR A 13 -6.97 -6.58 9.11
N ARG A 14 -6.30 -5.67 8.40
CA ARG A 14 -6.99 -4.76 7.47
C ARG A 14 -6.39 -4.85 6.08
N GLY A 15 -5.98 -6.07 5.68
CA GLY A 15 -5.39 -6.29 4.35
C GLY A 15 -6.06 -5.40 3.31
N THR A 16 -5.45 -4.24 3.09
CA THR A 16 -5.97 -3.28 2.11
C THR A 16 -6.61 -3.98 0.92
N GLY A 17 -6.06 -5.14 0.58
CA GLY A 17 -6.55 -5.94 -0.55
C GLY A 17 -5.67 -5.73 -1.78
N ALA A 18 -5.22 -6.84 -2.35
CA ALA A 18 -4.37 -6.77 -3.54
C ALA A 18 -5.19 -6.32 -4.74
N GLY A 19 -5.70 -5.09 -4.68
CA GLY A 19 -6.53 -4.54 -5.77
C GLY A 19 -5.78 -3.47 -6.53
N SER A 20 -4.64 -3.85 -7.10
CA SER A 20 -3.82 -2.93 -7.87
C SER A 20 -2.77 -3.68 -8.66
N ARG A 21 -3.21 -4.67 -9.43
CA ARG A 21 -2.28 -5.49 -10.23
C ARG A 21 -2.50 -5.22 -11.73
N PRO A 22 -1.72 -5.86 -12.58
CA PRO A 22 -1.83 -5.68 -14.07
C PRO A 22 -3.21 -6.05 -14.60
N ARG A 23 -3.90 -6.90 -13.87
CA ARG A 23 -5.23 -7.34 -14.28
C ARG A 23 -6.13 -6.14 -14.56
N GLY A 24 -6.02 -5.60 -15.76
CA GLY A 24 -6.83 -4.43 -16.15
C GLY A 24 -6.35 -3.87 -17.48
N GLN A 25 -5.14 -3.33 -17.49
CA GLN A 25 -4.58 -2.76 -18.72
C GLN A 25 -4.17 -3.89 -19.67
N ASN A 26 -5.15 -4.47 -20.35
CA ASN A 26 -4.88 -5.56 -21.31
C ASN A 26 -4.80 -5.02 -22.73
N LYS A 27 -4.60 -3.72 -22.86
CA LYS A 27 -4.52 -3.06 -24.19
C LYS A 27 -3.07 -2.82 -24.59
N GLU A 28 -2.15 -2.96 -23.63
CA GLU A 28 -0.72 -2.75 -23.92
C GLU A 28 -0.49 -1.36 -24.53
N ARG A 29 -0.46 -0.35 -23.65
CA ARG A 29 -0.24 1.02 -24.09
C ARG A 29 0.17 1.89 -22.89
N PRO A 30 -0.69 2.04 -21.90
CA PRO A 30 -0.38 2.88 -20.71
C PRO A 30 0.87 2.36 -19.98
N PRO A 31 1.98 3.11 -19.99
CA PRO A 31 3.23 2.64 -19.31
C PRO A 31 3.16 2.80 -17.78
N PRO A 32 3.19 1.73 -17.01
CA PRO A 32 3.13 1.81 -15.51
C PRO A 32 4.17 2.79 -14.93
N VAL A 33 4.86 2.35 -13.88
CA VAL A 33 5.87 3.19 -13.23
C VAL A 33 5.27 4.49 -12.73
N PRO A 34 4.53 4.44 -11.65
CA PRO A 34 3.90 5.64 -11.06
C PRO A 34 4.93 6.67 -10.61
N ASN A 35 4.58 7.95 -10.73
CA ASN A 35 5.48 9.02 -10.33
C ASN A 35 5.16 9.46 -8.88
N PRO A 36 3.91 9.56 -8.53
CA PRO A 36 3.49 9.98 -7.16
C PRO A 36 4.10 9.08 -6.09
N ASP A 37 4.68 7.97 -6.50
CA ASP A 37 5.31 7.05 -5.57
C ASP A 37 6.76 7.45 -5.32
N TYR A 38 7.18 8.58 -5.91
CA TYR A 38 8.55 9.05 -5.75
C TYR A 38 8.66 10.00 -4.56
N GLU A 39 7.56 10.13 -3.79
CA GLU A 39 7.55 11.01 -2.62
C GLU A 39 7.15 10.24 -1.35
N PRO A 40 7.75 9.10 -1.11
CA PRO A 40 7.45 8.27 0.10
C PRO A 40 7.92 8.93 1.40
N ILE A 41 8.01 10.25 1.38
CA ILE A 41 8.44 11.02 2.55
C ILE A 41 7.25 11.64 3.26
N ARG A 42 6.06 11.29 2.81
CA ARG A 42 4.82 11.81 3.40
C ARG A 42 4.06 10.69 4.10
N LYS A 43 4.27 10.55 5.42
CA LYS A 43 3.59 9.53 6.22
C LYS A 43 4.27 9.39 7.60
N GLY A 44 3.47 9.18 8.65
CA GLY A 44 4.00 9.03 9.99
C GLY A 44 4.47 7.60 10.25
N GLN A 45 3.50 6.71 10.48
CA GLN A 45 3.80 5.32 10.75
C GLN A 45 4.72 5.21 11.96
N ARG A 46 4.13 5.36 13.14
CA ARG A 46 4.88 5.27 14.39
C ARG A 46 3.97 4.91 15.56
N ASP A 47 2.70 5.27 15.43
CA ASP A 47 1.73 4.99 16.47
C ASP A 47 1.18 3.59 16.29
N LEU A 48 1.73 2.85 15.33
CA LEU A 48 1.25 1.50 15.09
C LEU A 48 1.54 0.63 16.32
N TYR A 49 2.68 0.88 16.96
CA TYR A 49 3.07 0.10 18.14
C TYR A 49 1.90 -0.02 19.12
N SER A 50 1.04 1.00 19.15
CA SER A 50 -0.12 0.99 20.05
C SER A 50 -1.04 -0.18 19.72
N GLY A 51 -1.27 -0.41 18.44
CA GLY A 51 -2.14 -1.50 18.00
C GLY A 51 -1.43 -2.85 18.07
N LEU A 52 -0.25 -2.87 18.70
CA LEU A 52 0.52 -4.12 18.81
C LEU A 52 0.11 -4.90 20.07
N ASN A 53 -0.68 -4.27 20.95
CA ASN A 53 -1.13 -4.94 22.17
C ASN A 53 -1.57 -6.38 21.87
N GLN A 54 -1.75 -6.69 20.59
CA GLN A 54 -2.16 -8.04 20.21
C GLN A 54 -3.53 -8.37 20.80
N ARG A 55 -4.00 -7.52 21.74
CA ARG A 55 -5.31 -7.71 22.39
C ARG A 55 -5.20 -8.70 23.55
N ALA A 56 -3.97 -9.08 23.85
CA ALA A 56 -3.69 -10.06 24.92
C ALA A 56 -3.73 -11.48 24.33
N VAL A 57 -2.68 -11.84 23.60
CA VAL A 57 -2.61 -13.17 22.98
C VAL A 57 -3.97 -13.56 22.39
N CYS A 1 -0.16 -6.61 -5.80
CA CYS A 1 -0.70 -6.19 -4.47
C CYS A 1 -1.05 -4.71 -4.52
N SER A 2 -0.27 -3.94 -5.28
CA SER A 2 -0.51 -2.51 -5.39
C SER A 2 -1.74 -2.24 -6.25
N LYS A 3 -2.59 -1.32 -5.80
CA LYS A 3 -3.80 -0.97 -6.53
C LYS A 3 -3.52 0.14 -7.55
N ASN A 4 -2.43 -0.03 -8.29
CA ASN A 4 -2.02 0.94 -9.31
C ASN A 4 -1.51 2.23 -8.67
N ARG A 5 -2.17 2.65 -7.59
CA ARG A 5 -1.77 3.87 -6.91
C ARG A 5 -0.31 3.81 -6.45
N LYS A 6 0.01 2.81 -5.63
CA LYS A 6 1.38 2.67 -5.12
C LYS A 6 1.48 1.44 -4.23
N ALA A 7 2.67 0.83 -4.19
CA ALA A 7 2.90 -0.38 -3.38
C ALA A 7 2.14 -0.30 -2.05
N LYS A 8 1.85 0.92 -1.60
CA LYS A 8 1.12 1.16 -0.34
C LYS A 8 1.63 0.30 0.81
N ALA A 9 2.10 0.95 1.88
CA ALA A 9 2.61 0.25 3.07
C ALA A 9 1.93 0.73 4.34
N LYS A 10 0.71 1.24 4.21
CA LYS A 10 -0.05 1.71 5.37
C LYS A 10 -1.02 0.64 5.91
N PRO A 11 -1.77 -0.04 5.07
CA PRO A 11 -2.75 -1.06 5.53
C PRO A 11 -2.11 -2.33 6.08
N VAL A 12 -0.87 -2.22 6.49
CA VAL A 12 -0.13 -3.34 7.05
C VAL A 12 -0.78 -3.87 8.33
N THR A 13 -1.58 -3.04 8.97
CA THR A 13 -2.23 -3.43 10.23
C THR A 13 -3.72 -3.12 10.18
N ARG A 14 -4.04 -1.84 10.17
CA ARG A 14 -5.44 -1.41 10.13
C ARG A 14 -6.16 -2.08 8.97
N GLY A 15 -5.41 -2.81 8.14
CA GLY A 15 -6.01 -3.50 7.00
C GLY A 15 -5.19 -4.72 6.63
N THR A 16 -4.98 -4.90 5.34
CA THR A 16 -4.21 -6.04 4.87
C THR A 16 -3.87 -5.93 3.38
N GLY A 17 -3.49 -4.74 2.93
CA GLY A 17 -3.13 -4.56 1.53
C GLY A 17 -4.26 -4.98 0.61
N ALA A 18 -5.00 -4.00 0.10
CA ALA A 18 -6.10 -4.27 -0.81
C ALA A 18 -5.55 -4.96 -2.07
N GLY A 19 -5.33 -6.28 -1.99
CA GLY A 19 -4.77 -7.05 -3.10
C GLY A 19 -5.88 -7.76 -3.87
N SER A 20 -6.73 -6.96 -4.49
CA SER A 20 -7.84 -7.49 -5.27
C SER A 20 -7.44 -7.60 -6.75
N ARG A 21 -6.28 -8.21 -6.98
CA ARG A 21 -5.75 -8.39 -8.33
C ARG A 21 -5.49 -7.03 -9.00
N PRO A 22 -4.25 -6.60 -9.14
CA PRO A 22 -3.94 -5.27 -9.77
C PRO A 22 -4.67 -5.04 -11.09
N ARG A 23 -4.63 -6.06 -11.96
CA ARG A 23 -5.28 -6.01 -13.30
C ARG A 23 -6.18 -4.79 -13.47
N GLY A 24 -5.88 -3.98 -14.47
CA GLY A 24 -6.65 -2.75 -14.75
C GLY A 24 -5.75 -1.65 -15.27
N GLN A 25 -4.63 -1.41 -14.58
CA GLN A 25 -3.69 -0.38 -15.02
C GLN A 25 -3.11 -0.76 -16.37
N ASN A 26 -3.81 -0.35 -17.42
CA ASN A 26 -3.39 -0.65 -18.78
C ASN A 26 -2.01 -0.11 -19.02
N LYS A 27 -1.57 0.78 -18.15
CA LYS A 27 -0.23 1.38 -18.26
C LYS A 27 -0.19 2.39 -19.40
N GLU A 28 -0.95 2.11 -20.45
CA GLU A 28 -1.01 2.98 -21.62
C GLU A 28 0.37 3.13 -22.26
N ARG A 29 0.50 2.66 -23.50
CA ARG A 29 1.76 2.75 -24.24
C ARG A 29 2.89 2.00 -23.50
N PRO A 30 3.80 1.35 -24.21
CA PRO A 30 4.93 0.61 -23.58
C PRO A 30 5.61 1.39 -22.42
N PRO A 31 6.04 2.64 -22.62
CA PRO A 31 6.72 3.45 -21.53
C PRO A 31 5.83 3.62 -20.28
N PRO A 32 6.10 2.94 -19.17
CA PRO A 32 5.27 3.08 -17.93
C PRO A 32 5.39 4.50 -17.33
N VAL A 33 6.63 4.92 -17.10
CA VAL A 33 6.89 6.25 -16.51
C VAL A 33 5.87 6.58 -15.43
N PRO A 34 5.97 5.93 -14.29
CA PRO A 34 5.05 6.16 -13.15
C PRO A 34 5.50 7.33 -12.26
N ASN A 35 4.53 8.07 -11.72
CA ASN A 35 4.82 9.22 -10.87
C ASN A 35 4.36 8.96 -9.42
N PRO A 36 3.19 8.40 -9.25
CA PRO A 36 2.61 8.10 -7.89
C PRO A 36 3.49 7.14 -7.08
N ASP A 37 4.32 6.35 -7.77
CA ASP A 37 5.19 5.39 -7.08
C ASP A 37 6.51 6.06 -6.68
N TYR A 38 6.65 7.34 -6.99
CA TYR A 38 7.89 8.08 -6.67
C TYR A 38 7.71 8.90 -5.39
N GLU A 39 6.60 8.66 -4.68
CA GLU A 39 6.32 9.40 -3.44
C GLU A 39 6.04 8.43 -2.29
N PRO A 40 6.87 7.42 -2.14
CA PRO A 40 6.71 6.39 -1.05
C PRO A 40 6.90 6.99 0.35
N ILE A 41 6.70 8.29 0.46
CA ILE A 41 6.85 8.99 1.73
C ILE A 41 5.50 9.18 2.42
N ARG A 42 4.45 8.69 1.79
CA ARG A 42 3.09 8.81 2.36
C ARG A 42 2.72 7.56 3.18
N LYS A 43 2.97 7.62 4.48
CA LYS A 43 2.65 6.51 5.36
C LYS A 43 2.73 6.94 6.84
N GLY A 44 1.73 6.56 7.64
CA GLY A 44 1.73 6.92 9.06
C GLY A 44 2.74 6.10 9.87
N GLN A 45 2.64 4.77 9.78
CA GLN A 45 3.54 3.88 10.52
C GLN A 45 3.81 4.42 11.92
N ARG A 46 2.88 4.14 12.83
CA ARG A 46 3.02 4.59 14.21
C ARG A 46 1.89 4.00 15.07
N ASP A 47 0.87 3.46 14.41
CA ASP A 47 -0.27 2.86 15.11
C ASP A 47 -0.02 1.37 15.34
N LEU A 48 1.12 0.87 14.87
CA LEU A 48 1.43 -0.54 15.04
C LEU A 48 1.53 -0.85 16.55
N TYR A 49 2.01 0.12 17.33
CA TYR A 49 2.14 -0.06 18.78
C TYR A 49 0.77 -0.27 19.45
N SER A 50 -0.24 0.47 19.00
CA SER A 50 -1.57 0.35 19.59
C SER A 50 -2.19 -1.01 19.28
N GLY A 51 -1.95 -1.49 18.07
CA GLY A 51 -2.49 -2.78 17.65
C GLY A 51 -1.63 -3.93 18.17
N LEU A 52 -0.61 -3.58 18.95
CA LEU A 52 0.31 -4.58 19.49
C LEU A 52 -0.24 -5.18 20.79
N ASN A 53 -1.28 -4.56 21.34
CA ASN A 53 -1.87 -5.06 22.59
C ASN A 53 -1.96 -6.58 22.58
N GLN A 54 -2.27 -7.16 21.43
CA GLN A 54 -2.38 -8.62 21.32
C GLN A 54 -3.20 -9.18 22.49
N ARG A 55 -3.85 -8.29 23.24
CA ARG A 55 -4.64 -8.71 24.39
C ARG A 55 -3.82 -9.61 25.32
N ALA A 56 -3.32 -9.01 26.40
CA ALA A 56 -2.51 -9.77 27.38
C ALA A 56 -1.58 -10.74 26.66
N VAL A 57 -0.71 -10.19 25.82
CA VAL A 57 0.23 -11.01 25.07
C VAL A 57 -0.45 -12.27 24.52
N CYS A 1 -2.38 -7.45 -12.55
CA CYS A 1 -2.70 -6.84 -11.24
C CYS A 1 -4.01 -6.05 -11.35
N SER A 2 -4.94 -6.33 -10.46
CA SER A 2 -6.23 -5.63 -10.48
C SER A 2 -6.02 -4.13 -10.44
N LYS A 3 -6.15 -3.48 -11.60
CA LYS A 3 -5.97 -2.03 -11.67
C LYS A 3 -4.69 -1.60 -10.96
N ASN A 4 -3.62 -2.35 -11.18
CA ASN A 4 -2.33 -2.05 -10.56
C ASN A 4 -2.51 -1.66 -9.10
N ARG A 5 -3.62 -2.12 -8.50
CA ARG A 5 -3.90 -1.81 -7.11
C ARG A 5 -3.24 -2.84 -6.19
N LYS A 6 -3.66 -4.09 -6.31
CA LYS A 6 -3.12 -5.16 -5.48
C LYS A 6 -3.66 -6.51 -5.95
N ALA A 7 -2.79 -7.52 -5.92
CA ALA A 7 -3.19 -8.87 -6.36
C ALA A 7 -2.81 -9.90 -5.29
N LYS A 8 -3.57 -10.99 -5.23
CA LYS A 8 -3.31 -12.05 -4.26
C LYS A 8 -3.58 -11.54 -2.84
N ALA A 9 -4.13 -12.40 -2.00
CA ALA A 9 -4.45 -12.00 -0.62
C ALA A 9 -4.51 -13.23 0.29
N LYS A 10 -4.27 -13.02 1.59
CA LYS A 10 -4.28 -14.12 2.55
C LYS A 10 -5.60 -14.92 2.46
N PRO A 11 -6.73 -14.27 2.45
CA PRO A 11 -8.05 -14.98 2.35
C PRO A 11 -8.05 -16.06 1.29
N VAL A 12 -7.48 -15.75 0.16
CA VAL A 12 -7.42 -16.68 -0.98
C VAL A 12 -8.82 -17.07 -1.45
N THR A 13 -9.78 -17.04 -0.53
CA THR A 13 -11.16 -17.37 -0.84
C THR A 13 -11.91 -16.11 -1.24
N ARG A 14 -11.32 -14.95 -0.96
CA ARG A 14 -11.98 -13.69 -1.30
C ARG A 14 -12.21 -13.60 -2.81
N GLY A 15 -11.23 -14.05 -3.59
CA GLY A 15 -11.34 -14.01 -5.05
C GLY A 15 -10.00 -13.64 -5.68
N THR A 16 -9.63 -14.35 -6.74
CA THR A 16 -8.38 -14.08 -7.42
C THR A 16 -8.53 -12.86 -8.33
N GLY A 17 -9.32 -11.89 -7.88
CA GLY A 17 -9.56 -10.68 -8.65
C GLY A 17 -10.17 -11.05 -9.99
N ALA A 18 -9.32 -11.25 -10.99
CA ALA A 18 -9.77 -11.62 -12.34
C ALA A 18 -10.17 -10.37 -13.13
N GLY A 19 -9.90 -10.35 -14.45
CA GLY A 19 -10.27 -9.19 -15.26
C GLY A 19 -9.43 -7.96 -14.89
N SER A 20 -8.12 -8.14 -14.84
CA SER A 20 -7.23 -7.03 -14.47
C SER A 20 -7.36 -5.89 -15.47
N ARG A 21 -7.40 -6.23 -16.74
CA ARG A 21 -7.52 -5.24 -17.81
C ARG A 21 -6.78 -3.95 -17.44
N PRO A 22 -5.48 -3.92 -17.63
CA PRO A 22 -4.66 -2.73 -17.29
C PRO A 22 -4.73 -1.66 -18.38
N ARG A 23 -3.83 -1.75 -19.35
CA ARG A 23 -3.80 -0.78 -20.46
C ARG A 23 -4.25 0.60 -20.00
N GLY A 24 -3.30 1.40 -19.56
CA GLY A 24 -3.59 2.75 -19.09
C GLY A 24 -2.33 3.42 -18.58
N GLN A 25 -2.31 3.68 -17.27
CA GLN A 25 -1.15 4.33 -16.61
C GLN A 25 -0.37 5.20 -17.60
N ASN A 26 -1.02 6.25 -18.09
CA ASN A 26 -0.41 7.16 -19.06
C ASN A 26 -0.32 8.58 -18.50
N LYS A 27 -0.12 8.68 -17.18
CA LYS A 27 -0.01 9.99 -16.53
C LYS A 27 1.43 10.49 -16.52
N GLU A 28 2.09 10.32 -17.65
CA GLU A 28 3.49 10.76 -17.79
C GLU A 28 4.32 10.28 -16.61
N ARG A 29 4.00 9.10 -16.10
CA ARG A 29 4.73 8.55 -14.97
C ARG A 29 4.81 7.03 -15.07
N PRO A 30 5.44 6.51 -16.10
CA PRO A 30 5.58 5.04 -16.27
C PRO A 30 6.20 4.36 -15.05
N PRO A 31 7.24 4.91 -14.45
CA PRO A 31 7.89 4.29 -13.24
C PRO A 31 6.87 3.82 -12.19
N PRO A 32 6.59 2.54 -12.08
CA PRO A 32 5.61 2.06 -11.06
C PRO A 32 6.09 2.35 -9.64
N VAL A 33 5.30 3.14 -8.90
CA VAL A 33 5.65 3.48 -7.51
C VAL A 33 4.40 3.39 -6.62
N PRO A 34 3.59 2.38 -6.79
CA PRO A 34 2.36 2.17 -5.96
C PRO A 34 2.70 1.84 -4.51
N ASN A 35 1.73 2.03 -3.62
CA ASN A 35 1.94 1.73 -2.20
C ASN A 35 2.97 2.69 -1.60
N PRO A 36 2.55 3.90 -1.29
CA PRO A 36 3.44 4.94 -0.69
C PRO A 36 4.08 4.46 0.61
N ASP A 37 3.43 3.52 1.29
CA ASP A 37 3.96 2.98 2.53
C ASP A 37 5.43 2.60 2.35
N TYR A 38 5.86 2.52 1.09
CA TYR A 38 7.25 2.18 0.80
C TYR A 38 8.19 2.96 1.73
N GLU A 39 7.71 4.08 2.23
CA GLU A 39 8.53 4.91 3.12
C GLU A 39 7.69 5.89 3.89
N PRO A 40 8.23 6.52 4.94
CA PRO A 40 7.47 7.51 5.77
C PRO A 40 6.89 8.68 4.96
N ILE A 41 6.39 8.38 3.76
CA ILE A 41 5.79 9.40 2.90
C ILE A 41 4.34 9.60 3.29
N ARG A 42 3.82 8.67 4.08
CA ARG A 42 2.42 8.78 4.52
C ARG A 42 2.20 8.05 5.84
N LYS A 43 2.95 8.44 6.87
CA LYS A 43 2.81 7.81 8.18
C LYS A 43 3.62 8.58 9.22
N GLY A 44 2.95 9.07 10.27
CA GLY A 44 3.66 9.81 11.32
C GLY A 44 4.69 8.94 12.02
N GLN A 45 4.28 7.74 12.42
CA GLN A 45 5.19 6.83 13.11
C GLN A 45 5.89 7.53 14.27
N ARG A 46 5.11 7.86 15.29
CA ARG A 46 5.65 8.53 16.48
C ARG A 46 4.81 8.20 17.71
N ASP A 47 3.62 7.65 17.48
CA ASP A 47 2.73 7.29 18.58
C ASP A 47 3.10 5.94 19.15
N LEU A 48 4.06 5.27 18.52
CA LEU A 48 4.50 3.96 18.99
C LEU A 48 5.49 4.12 20.14
N TYR A 49 5.78 5.37 20.50
CA TYR A 49 6.72 5.66 21.59
C TYR A 49 6.00 6.17 22.83
N SER A 50 4.95 6.95 22.63
CA SER A 50 4.17 7.49 23.74
C SER A 50 3.30 6.41 24.37
N GLY A 51 2.81 5.50 23.54
CA GLY A 51 1.96 4.42 24.04
C GLY A 51 2.72 3.48 24.95
N LEU A 52 4.04 3.46 24.81
CA LEU A 52 4.86 2.60 25.65
C LEU A 52 4.79 3.07 27.11
N ASN A 53 4.14 4.21 27.30
CA ASN A 53 4.00 4.80 28.63
C ASN A 53 5.37 5.13 29.20
N GLN A 54 6.18 5.77 28.36
CA GLN A 54 7.54 6.16 28.77
C GLN A 54 7.55 7.52 29.44
N ARG A 55 6.35 8.01 29.77
CA ARG A 55 6.20 9.32 30.42
C ARG A 55 7.26 10.30 29.92
N ALA A 56 7.25 10.55 28.61
CA ALA A 56 8.23 11.47 28.02
C ALA A 56 9.63 11.15 28.54
N VAL A 57 10.11 9.95 28.20
CA VAL A 57 11.43 9.50 28.62
C VAL A 57 11.85 10.09 29.96
N CYS A 1 -1.23 -5.54 -9.60
CA CYS A 1 -1.01 -4.32 -8.77
C CYS A 1 -2.27 -4.03 -7.95
N SER A 2 -3.42 -4.16 -8.60
CA SER A 2 -4.69 -3.91 -7.92
C SER A 2 -4.59 -2.67 -7.06
N LYS A 3 -4.85 -1.49 -7.66
CA LYS A 3 -4.80 -0.22 -6.94
C LYS A 3 -3.73 -0.25 -5.84
N ASN A 4 -2.57 -0.82 -6.17
CA ASN A 4 -1.47 -0.92 -5.20
C ASN A 4 -1.99 -1.36 -3.84
N ARG A 5 -2.92 -2.32 -3.85
CA ARG A 5 -3.50 -2.82 -2.61
C ARG A 5 -2.43 -3.50 -1.76
N LYS A 6 -1.64 -4.36 -2.41
CA LYS A 6 -0.59 -5.07 -1.70
C LYS A 6 0.19 -4.13 -0.82
N ALA A 7 0.08 -4.34 0.47
CA ALA A 7 0.76 -3.50 1.46
C ALA A 7 1.23 -4.34 2.65
N LYS A 8 0.35 -4.48 3.64
CA LYS A 8 0.71 -5.25 4.82
C LYS A 8 -0.50 -5.42 5.73
N ALA A 9 -1.24 -6.49 5.52
CA ALA A 9 -2.42 -6.76 6.32
C ALA A 9 -2.97 -8.15 6.02
N LYS A 10 -3.02 -8.51 4.73
CA LYS A 10 -3.54 -9.82 4.30
C LYS A 10 -4.60 -10.33 5.28
N PRO A 11 -5.72 -9.66 5.36
CA PRO A 11 -6.84 -10.05 6.27
C PRO A 11 -7.26 -11.49 6.11
N VAL A 12 -6.69 -12.14 5.09
CA VAL A 12 -7.01 -13.54 4.80
C VAL A 12 -8.45 -13.65 4.34
N THR A 13 -9.32 -13.02 5.09
CA THR A 13 -10.74 -12.99 4.77
C THR A 13 -11.00 -12.00 3.64
N ARG A 14 -10.04 -11.09 3.45
CA ARG A 14 -10.20 -10.08 2.39
C ARG A 14 -10.80 -10.69 1.12
N GLY A 15 -10.33 -11.87 0.74
CA GLY A 15 -10.84 -12.49 -0.47
C GLY A 15 -10.13 -11.88 -1.69
N THR A 16 -9.70 -12.74 -2.60
CA THR A 16 -9.00 -12.31 -3.81
C THR A 16 -9.94 -11.48 -4.70
N GLY A 17 -10.08 -11.91 -5.95
CA GLY A 17 -10.93 -11.21 -6.93
C GLY A 17 -10.16 -10.95 -8.23
N ALA A 18 -10.52 -11.67 -9.29
CA ALA A 18 -9.86 -11.50 -10.59
C ALA A 18 -10.58 -10.42 -11.40
N GLY A 19 -9.90 -9.82 -12.41
CA GLY A 19 -10.53 -8.76 -13.22
C GLY A 19 -9.77 -7.44 -13.09
N SER A 20 -8.99 -7.30 -12.01
CA SER A 20 -8.23 -6.08 -11.79
C SER A 20 -7.13 -5.95 -12.84
N ARG A 21 -6.78 -7.07 -13.44
CA ARG A 21 -5.74 -7.11 -14.49
C ARG A 21 -4.49 -6.33 -14.03
N PRO A 22 -3.45 -6.28 -14.84
CA PRO A 22 -2.19 -5.57 -14.49
C PRO A 22 -2.27 -4.08 -14.81
N ARG A 23 -3.26 -3.73 -15.61
CA ARG A 23 -3.47 -2.33 -16.02
C ARG A 23 -2.57 -1.99 -17.21
N GLY A 24 -3.18 -1.51 -18.29
CA GLY A 24 -2.41 -1.14 -19.50
C GLY A 24 -2.05 0.34 -19.46
N GLN A 25 -3.04 1.20 -19.65
CA GLN A 25 -2.81 2.64 -19.66
C GLN A 25 -1.70 3.00 -20.64
N ASN A 26 -2.06 2.98 -21.93
CA ASN A 26 -1.07 3.31 -22.96
C ASN A 26 -0.65 4.77 -22.86
N LYS A 27 -1.59 5.63 -22.52
CA LYS A 27 -1.33 7.07 -22.41
C LYS A 27 -0.56 7.59 -23.63
N GLU A 28 -0.36 6.71 -24.62
CA GLU A 28 0.33 7.08 -25.85
C GLU A 28 1.75 7.57 -25.56
N ARG A 29 2.48 6.79 -24.78
CA ARG A 29 3.85 7.15 -24.44
C ARG A 29 4.57 5.99 -23.73
N PRO A 30 5.87 5.87 -23.91
CA PRO A 30 6.67 4.79 -23.27
C PRO A 30 6.17 4.43 -21.86
N PRO A 31 6.44 3.24 -21.39
CA PRO A 31 6.01 2.80 -20.03
C PRO A 31 6.10 3.94 -19.01
N PRO A 32 4.99 4.57 -18.65
CA PRO A 32 4.98 5.69 -17.67
C PRO A 32 5.00 5.18 -16.23
N VAL A 33 6.07 5.48 -15.50
CA VAL A 33 6.19 5.03 -14.12
C VAL A 33 5.57 6.06 -13.16
N PRO A 34 4.54 5.70 -12.39
CA PRO A 34 3.92 6.67 -11.43
C PRO A 34 4.95 7.36 -10.53
N ASN A 35 4.64 8.59 -10.14
CA ASN A 35 5.52 9.38 -9.27
C ASN A 35 5.14 9.18 -7.80
N PRO A 36 3.86 9.17 -7.50
CA PRO A 36 3.35 9.02 -6.10
C PRO A 36 3.81 7.70 -5.47
N ASP A 37 4.25 6.77 -6.31
CA ASP A 37 4.72 5.48 -5.82
C ASP A 37 6.18 5.57 -5.38
N TYR A 38 6.76 6.77 -5.50
CA TYR A 38 8.16 6.97 -5.11
C TYR A 38 8.24 7.87 -3.89
N GLU A 39 7.19 7.84 -3.07
CA GLU A 39 7.15 8.67 -1.86
C GLU A 39 6.67 7.86 -0.65
N PRO A 40 7.42 6.86 -0.27
CA PRO A 40 7.06 6.00 0.90
C PRO A 40 7.40 6.63 2.24
N ILE A 41 7.42 7.97 2.26
CA ILE A 41 7.75 8.71 3.48
C ILE A 41 6.49 9.29 4.10
N ARG A 42 5.34 8.94 3.52
CA ARG A 42 4.06 9.44 4.02
C ARG A 42 3.43 8.43 4.98
N LYS A 43 3.76 8.57 6.27
CA LYS A 43 3.21 7.67 7.29
C LYS A 43 3.82 8.03 8.66
N GLY A 44 2.97 8.38 9.64
CA GLY A 44 3.46 8.74 10.97
C GLY A 44 4.37 7.64 11.54
N GLN A 45 3.75 6.59 12.05
CA GLN A 45 4.50 5.48 12.63
C GLN A 45 5.38 5.98 13.78
N ARG A 46 4.74 6.31 14.89
CA ARG A 46 5.46 6.81 16.06
C ARG A 46 4.63 6.60 17.33
N ASP A 47 3.37 6.22 17.15
CA ASP A 47 2.47 5.98 18.28
C ASP A 47 2.45 4.50 18.63
N LEU A 48 3.19 3.72 17.86
CA LEU A 48 3.25 2.27 18.12
C LEU A 48 3.91 2.01 19.46
N TYR A 49 4.64 3.01 19.97
CA TYR A 49 5.32 2.86 21.26
C TYR A 49 4.42 3.31 22.41
N SER A 50 3.47 4.19 22.10
CA SER A 50 2.55 4.70 23.12
C SER A 50 1.71 3.56 23.73
N GLY A 51 1.18 2.70 22.88
CA GLY A 51 0.36 1.58 23.35
C GLY A 51 1.21 0.57 24.12
N LEU A 52 2.49 0.52 23.81
CA LEU A 52 3.41 -0.40 24.46
C LEU A 52 3.98 0.23 25.73
N ASN A 53 3.50 1.42 26.06
CA ASN A 53 3.96 2.09 27.27
C ASN A 53 3.76 1.20 28.49
N GLN A 54 2.86 0.21 28.38
CA GLN A 54 2.59 -0.67 29.51
C GLN A 54 2.29 0.12 30.77
N ARG A 55 2.24 1.44 30.63
CA ARG A 55 1.96 2.32 31.78
C ARG A 55 3.07 2.21 32.83
N ALA A 56 4.08 3.05 32.69
CA ALA A 56 5.21 3.04 33.64
C ALA A 56 5.61 1.61 33.99
N VAL A 57 5.85 0.80 32.96
CA VAL A 57 6.25 -0.59 33.15
C VAL A 57 6.97 -1.08 31.90
N CYS A 1 -7.16 3.23 -6.88
CA CYS A 1 -6.09 4.25 -6.75
C CYS A 1 -4.77 3.56 -6.42
N SER A 2 -4.70 2.93 -5.25
CA SER A 2 -3.48 2.23 -4.83
C SER A 2 -3.84 0.90 -4.17
N LYS A 3 -3.12 -0.15 -4.54
CA LYS A 3 -3.36 -1.48 -3.99
C LYS A 3 -3.03 -1.53 -2.51
N ASN A 4 -1.96 -0.86 -2.15
CA ASN A 4 -1.50 -0.83 -0.76
C ASN A 4 -1.25 -2.24 -0.25
N ARG A 5 -1.39 -3.21 -1.14
CA ARG A 5 -1.16 -4.61 -0.77
C ARG A 5 0.33 -4.85 -0.56
N LYS A 6 1.15 -3.96 -1.13
CA LYS A 6 2.60 -4.06 -0.99
C LYS A 6 3.02 -4.05 0.49
N ALA A 7 2.26 -3.33 1.32
CA ALA A 7 2.57 -3.25 2.76
C ALA A 7 1.82 -4.32 3.55
N LYS A 8 0.54 -4.03 3.84
CA LYS A 8 -0.29 -4.98 4.60
C LYS A 8 -1.62 -5.19 3.89
N ALA A 9 -2.10 -6.43 3.91
CA ALA A 9 -3.37 -6.76 3.27
C ALA A 9 -3.72 -8.22 3.55
N LYS A 10 -3.93 -8.55 4.81
CA LYS A 10 -4.27 -9.92 5.22
C LYS A 10 -5.17 -10.59 4.17
N PRO A 11 -4.64 -11.43 3.30
CA PRO A 11 -5.46 -12.09 2.25
C PRO A 11 -6.28 -13.25 2.77
N VAL A 12 -6.07 -13.57 4.02
CA VAL A 12 -6.80 -14.66 4.64
C VAL A 12 -8.29 -14.34 4.67
N THR A 13 -8.58 -13.09 5.00
CA THR A 13 -9.96 -12.60 5.09
C THR A 13 -10.31 -11.75 3.87
N ARG A 14 -9.48 -10.76 3.58
CA ARG A 14 -9.76 -9.88 2.44
C ARG A 14 -9.84 -10.68 1.13
N GLY A 15 -9.32 -11.90 1.14
CA GLY A 15 -9.36 -12.74 -0.06
C GLY A 15 -8.64 -12.06 -1.22
N THR A 16 -8.06 -10.90 -0.95
CA THR A 16 -7.35 -10.15 -1.98
C THR A 16 -8.33 -9.68 -3.06
N GLY A 17 -8.84 -10.64 -3.83
CA GLY A 17 -9.79 -10.31 -4.90
C GLY A 17 -9.05 -9.98 -6.19
N ALA A 18 -9.08 -10.91 -7.14
CA ALA A 18 -8.42 -10.72 -8.42
C ALA A 18 -9.22 -9.72 -9.28
N GLY A 19 -8.57 -9.04 -10.24
CA GLY A 19 -9.26 -8.08 -11.10
C GLY A 19 -8.39 -6.86 -11.39
N SER A 20 -7.58 -6.45 -10.41
CA SER A 20 -6.71 -5.30 -10.59
C SER A 20 -5.93 -5.40 -11.88
N ARG A 21 -5.53 -6.62 -12.21
CA ARG A 21 -4.77 -6.88 -13.44
C ARG A 21 -3.50 -6.01 -13.48
N PRO A 22 -2.53 -6.39 -14.27
CA PRO A 22 -1.26 -5.60 -14.40
C PRO A 22 -1.51 -4.09 -14.48
N ARG A 23 -2.70 -3.73 -14.93
CA ARG A 23 -3.08 -2.31 -15.10
C ARG A 23 -2.13 -1.61 -16.05
N GLY A 24 -2.71 -0.90 -17.01
CA GLY A 24 -1.91 -0.17 -18.00
C GLY A 24 -1.37 1.12 -17.39
N GLN A 25 -2.28 2.06 -17.10
CA GLN A 25 -1.88 3.35 -16.52
C GLN A 25 -0.63 3.86 -17.22
N ASN A 26 -0.83 4.50 -18.37
CA ASN A 26 0.29 5.05 -19.13
C ASN A 26 -0.08 6.41 -19.74
N LYS A 27 -0.04 7.45 -18.91
CA LYS A 27 -0.40 8.81 -19.36
C LYS A 27 0.64 9.38 -20.34
N GLU A 28 1.59 8.55 -20.74
CA GLU A 28 2.66 8.95 -21.67
C GLU A 28 3.58 9.98 -21.03
N ARG A 29 3.75 9.86 -19.70
CA ARG A 29 4.63 10.77 -18.94
C ARG A 29 5.37 10.02 -17.82
N PRO A 30 4.71 9.12 -17.11
CA PRO A 30 5.34 8.36 -16.00
C PRO A 30 5.98 7.06 -16.49
N PRO A 31 6.84 6.47 -15.70
CA PRO A 31 7.52 5.21 -16.07
C PRO A 31 6.53 4.10 -16.44
N PRO A 32 7.00 3.05 -17.08
CA PRO A 32 6.14 1.92 -17.51
C PRO A 32 5.55 1.13 -16.32
N VAL A 33 4.80 1.83 -15.46
CA VAL A 33 4.17 1.18 -14.29
C VAL A 33 3.48 2.26 -13.41
N PRO A 34 2.36 1.96 -12.78
CA PRO A 34 1.68 2.94 -11.89
C PRO A 34 2.64 3.56 -10.87
N ASN A 35 2.44 4.85 -10.56
CA ASN A 35 3.30 5.54 -9.61
C ASN A 35 3.00 5.06 -8.17
N PRO A 36 1.74 4.90 -7.84
CA PRO A 36 1.32 4.47 -6.47
C PRO A 36 1.91 3.11 -6.10
N ASP A 37 2.39 2.38 -7.12
CA ASP A 37 2.99 1.07 -6.87
C ASP A 37 4.25 1.23 -6.02
N TYR A 38 4.92 2.38 -6.15
CA TYR A 38 6.14 2.64 -5.39
C TYR A 38 6.18 4.10 -4.92
N GLU A 39 5.46 4.39 -3.84
CA GLU A 39 5.42 5.74 -3.29
C GLU A 39 5.49 5.70 -1.76
N PRO A 40 6.48 5.06 -1.22
CA PRO A 40 6.66 4.93 0.27
C PRO A 40 6.98 6.28 0.93
N ILE A 41 6.62 7.37 0.27
CA ILE A 41 6.86 8.72 0.78
C ILE A 41 5.60 9.27 1.45
N ARG A 42 4.55 8.47 1.46
CA ARG A 42 3.28 8.88 2.08
C ARG A 42 2.63 7.68 2.78
N LYS A 43 3.14 7.36 3.96
CA LYS A 43 2.62 6.25 4.75
C LYS A 43 2.62 6.61 6.23
N GLY A 44 1.59 6.16 6.95
CA GLY A 44 1.48 6.46 8.38
C GLY A 44 2.68 5.93 9.17
N GLN A 45 2.81 4.61 9.24
CA GLN A 45 3.94 4.01 9.98
C GLN A 45 4.14 4.70 11.32
N ARG A 46 3.10 4.69 12.15
CA ARG A 46 3.15 5.31 13.48
C ARG A 46 2.25 4.54 14.45
N ASP A 47 1.53 3.55 13.94
CA ASP A 47 0.62 2.75 14.77
C ASP A 47 1.38 1.68 15.51
N LEU A 48 2.55 1.31 14.98
CA LEU A 48 3.38 0.29 15.62
C LEU A 48 4.27 0.92 16.68
N TYR A 49 4.21 2.24 16.81
CA TYR A 49 5.00 2.96 17.81
C TYR A 49 4.10 3.63 18.86
N SER A 50 2.97 4.17 18.41
CA SER A 50 2.05 4.82 19.33
C SER A 50 1.48 3.83 20.34
N GLY A 51 1.09 2.66 19.85
CA GLY A 51 0.52 1.62 20.71
C GLY A 51 1.60 0.93 21.55
N LEU A 52 2.85 1.06 21.12
CA LEU A 52 3.96 0.43 21.85
C LEU A 52 4.44 1.35 22.98
N ASN A 53 3.86 2.54 23.05
CA ASN A 53 4.21 3.50 24.10
C ASN A 53 2.95 4.00 24.81
N GLN A 54 2.17 3.06 25.33
CA GLN A 54 0.94 3.40 26.04
C GLN A 54 1.27 4.08 27.37
N ARG A 55 2.37 4.83 27.39
CA ARG A 55 2.80 5.52 28.60
C ARG A 55 3.26 4.54 29.66
N ALA A 56 4.46 4.77 30.18
CA ALA A 56 5.02 3.90 31.21
C ALA A 56 5.25 2.50 30.65
N VAL A 57 6.14 2.42 29.67
CA VAL A 57 6.46 1.15 29.04
C VAL A 57 6.83 0.11 30.09
N CYS A 1 3.59 -3.90 1.92
CA CYS A 1 2.76 -3.10 2.85
C CYS A 1 1.33 -3.04 2.32
N SER A 2 1.10 -2.18 1.33
CA SER A 2 -0.24 -2.06 0.75
C SER A 2 -1.24 -1.61 1.84
N LYS A 3 -2.19 -0.75 1.48
CA LYS A 3 -3.21 -0.28 2.44
C LYS A 3 -2.66 0.78 3.40
N ASN A 4 -1.37 1.00 3.36
CA ASN A 4 -0.73 2.01 4.23
C ASN A 4 -1.05 1.73 5.69
N ARG A 5 -1.74 0.62 5.95
CA ARG A 5 -2.11 0.26 7.33
C ARG A 5 -0.97 -0.51 7.99
N LYS A 6 -0.76 -1.74 7.53
CA LYS A 6 0.30 -2.57 8.10
C LYS A 6 0.06 -2.77 9.59
N ALA A 7 0.48 -3.92 10.10
CA ALA A 7 0.29 -4.21 11.51
C ALA A 7 1.19 -5.36 11.95
N LYS A 8 0.59 -6.41 12.52
CA LYS A 8 1.36 -7.58 12.97
C LYS A 8 0.63 -8.87 12.63
N ALA A 9 -0.27 -8.79 11.65
CA ALA A 9 -1.02 -9.96 11.20
C ALA A 9 -1.27 -9.91 9.70
N LYS A 10 -1.48 -8.71 9.17
CA LYS A 10 -1.70 -8.55 7.73
C LYS A 10 -2.66 -9.61 7.21
N PRO A 11 -3.91 -9.55 7.61
CA PRO A 11 -4.94 -10.55 7.16
C PRO A 11 -5.33 -10.37 5.71
N VAL A 12 -5.55 -11.49 5.03
CA VAL A 12 -5.94 -11.45 3.62
C VAL A 12 -7.22 -10.67 3.47
N THR A 13 -7.97 -10.61 4.54
CA THR A 13 -9.21 -9.87 4.56
C THR A 13 -8.92 -8.39 4.32
N ARG A 14 -7.67 -7.99 4.56
CA ARG A 14 -7.31 -6.58 4.36
C ARG A 14 -7.57 -6.15 2.92
N GLY A 15 -7.16 -6.98 1.96
CA GLY A 15 -7.34 -6.68 0.53
C GLY A 15 -5.98 -6.63 -0.16
N THR A 16 -5.69 -7.65 -0.96
CA THR A 16 -4.40 -7.72 -1.66
C THR A 16 -4.37 -6.75 -2.84
N GLY A 17 -4.96 -5.57 -2.64
CA GLY A 17 -4.99 -4.55 -3.71
C GLY A 17 -5.41 -5.18 -5.04
N ALA A 18 -6.52 -5.90 -5.02
CA ALA A 18 -7.03 -6.55 -6.22
C ALA A 18 -7.57 -5.51 -7.20
N GLY A 19 -7.41 -5.73 -8.52
CA GLY A 19 -7.91 -4.76 -9.50
C GLY A 19 -6.80 -3.77 -9.89
N SER A 20 -5.79 -3.67 -9.05
CA SER A 20 -4.68 -2.75 -9.30
C SER A 20 -3.65 -3.38 -10.24
N ARG A 21 -3.87 -4.65 -10.56
CA ARG A 21 -2.95 -5.37 -11.44
C ARG A 21 -2.69 -4.55 -12.71
N PRO A 22 -1.52 -4.65 -13.31
CA PRO A 22 -1.20 -3.89 -14.55
C PRO A 22 -1.83 -4.53 -15.78
N ARG A 23 -3.05 -4.14 -16.04
CA ARG A 23 -3.81 -4.64 -17.19
C ARG A 23 -5.22 -4.04 -17.20
N GLY A 24 -5.51 -3.23 -18.22
CA GLY A 24 -6.84 -2.60 -18.35
C GLY A 24 -6.82 -1.15 -17.89
N GLN A 25 -5.98 -0.83 -16.91
CA GLN A 25 -5.89 0.54 -16.39
C GLN A 25 -4.50 1.10 -16.63
N ASN A 26 -4.07 1.05 -17.88
CA ASN A 26 -2.77 1.56 -18.25
C ASN A 26 -2.57 1.45 -19.76
N LYS A 27 -2.71 2.58 -20.45
CA LYS A 27 -2.57 2.62 -21.90
C LYS A 27 -1.15 2.24 -22.33
N GLU A 28 -0.23 2.14 -21.36
CA GLU A 28 1.16 1.79 -21.66
C GLU A 28 1.76 2.77 -22.66
N ARG A 29 1.26 4.01 -22.63
CA ARG A 29 1.74 5.05 -23.53
C ARG A 29 3.05 5.65 -22.98
N PRO A 30 3.15 5.83 -21.69
CA PRO A 30 4.37 6.41 -21.07
C PRO A 30 5.38 5.31 -20.66
N PRO A 31 6.54 5.23 -21.31
CA PRO A 31 7.55 4.18 -20.97
C PRO A 31 7.86 4.12 -19.45
N PRO A 32 8.00 5.25 -18.79
CA PRO A 32 8.29 5.26 -17.32
C PRO A 32 7.18 4.59 -16.52
N VAL A 33 7.55 4.00 -15.39
CA VAL A 33 6.58 3.32 -14.52
C VAL A 33 5.24 4.07 -14.50
N PRO A 34 4.14 3.38 -14.35
CA PRO A 34 2.79 4.04 -14.33
C PRO A 34 2.55 4.84 -13.05
N ASN A 35 1.73 5.89 -13.17
CA ASN A 35 1.42 6.73 -12.02
C ASN A 35 1.20 5.89 -10.75
N PRO A 36 0.20 5.03 -10.73
CA PRO A 36 -0.12 4.20 -9.53
C PRO A 36 1.11 3.47 -8.99
N ASP A 37 2.22 3.56 -9.72
CA ASP A 37 3.46 2.89 -9.28
C ASP A 37 4.61 3.87 -9.01
N TYR A 38 4.31 5.18 -8.91
CA TYR A 38 5.37 6.19 -8.65
C TYR A 38 4.99 7.15 -7.50
N GLU A 39 3.95 6.84 -6.70
CA GLU A 39 3.57 7.74 -5.58
C GLU A 39 3.71 7.05 -4.21
N PRO A 40 4.72 6.22 -3.99
CA PRO A 40 4.89 5.51 -2.68
C PRO A 40 5.40 6.45 -1.59
N ILE A 41 5.80 7.62 -2.03
CA ILE A 41 6.30 8.66 -1.14
C ILE A 41 5.27 9.02 -0.10
N ARG A 42 4.03 8.65 -0.39
CA ARG A 42 2.93 8.92 0.52
C ARG A 42 3.05 8.06 1.77
N LYS A 43 3.64 8.62 2.82
CA LYS A 43 3.81 7.87 4.08
C LYS A 43 3.81 8.85 5.26
N GLY A 44 2.76 8.82 6.08
CA GLY A 44 2.69 9.72 7.24
C GLY A 44 3.84 9.49 8.21
N GLN A 45 4.16 8.23 8.46
CA GLN A 45 5.26 7.91 9.38
C GLN A 45 5.21 8.77 10.63
N ARG A 46 4.37 8.37 11.57
CA ARG A 46 4.22 9.10 12.83
C ARG A 46 3.31 8.35 13.78
N ASP A 47 2.61 7.34 13.25
CA ASP A 47 1.69 6.54 14.08
C ASP A 47 2.40 5.33 14.68
N LEU A 48 3.58 5.02 14.16
CA LEU A 48 4.35 3.89 14.68
C LEU A 48 4.84 4.20 16.11
N TYR A 49 5.08 5.49 16.38
CA TYR A 49 5.58 5.90 17.71
C TYR A 49 4.55 5.65 18.80
N SER A 50 3.26 5.79 18.49
CA SER A 50 2.19 5.57 19.48
C SER A 50 1.39 4.34 19.11
N GLY A 51 1.50 3.92 17.86
CA GLY A 51 0.78 2.74 17.38
C GLY A 51 1.54 1.45 17.69
N LEU A 52 2.69 1.58 18.36
CA LEU A 52 3.49 0.41 18.71
C LEU A 52 2.71 -0.50 19.66
N ASN A 53 1.90 0.11 20.52
CA ASN A 53 1.09 -0.65 21.48
C ASN A 53 -0.28 -0.95 20.89
N GLN A 54 -0.31 -1.54 19.70
CA GLN A 54 -1.57 -1.87 19.06
C GLN A 54 -2.26 -3.02 19.80
N ARG A 55 -1.73 -3.35 20.97
CA ARG A 55 -2.27 -4.44 21.80
C ARG A 55 -1.58 -5.75 21.47
N ALA A 56 -1.08 -6.42 22.48
CA ALA A 56 -0.41 -7.71 22.28
C ALA A 56 0.70 -7.56 21.24
N VAL A 57 1.71 -6.78 21.59
CA VAL A 57 2.84 -6.56 20.69
C VAL A 57 3.76 -7.77 20.67
N CYS A 1 -1.10 2.98 -7.83
CA CYS A 1 -0.85 4.45 -7.71
C CYS A 1 -1.67 5.00 -6.55
N SER A 2 -2.08 4.11 -5.64
CA SER A 2 -2.87 4.52 -4.50
C SER A 2 -1.99 5.00 -3.36
N LYS A 3 -0.73 5.28 -3.68
CA LYS A 3 0.22 5.77 -2.69
C LYS A 3 0.02 5.03 -1.36
N ASN A 4 0.09 3.72 -1.43
CA ASN A 4 -0.09 2.88 -0.23
C ASN A 4 0.55 1.51 -0.40
N ARG A 5 0.27 0.86 -1.54
CA ARG A 5 0.83 -0.45 -1.82
C ARG A 5 2.34 -0.47 -1.55
N LYS A 6 2.92 0.71 -1.31
CA LYS A 6 4.34 0.83 -1.03
C LYS A 6 4.54 1.66 0.23
N ALA A 7 5.31 1.11 1.15
CA ALA A 7 5.61 1.80 2.41
C ALA A 7 4.43 1.70 3.37
N LYS A 8 3.31 2.33 3.02
CA LYS A 8 2.13 2.30 3.89
C LYS A 8 1.24 1.11 3.52
N ALA A 9 1.57 -0.04 4.09
CA ALA A 9 0.82 -1.27 3.83
C ALA A 9 1.63 -2.49 4.26
N LYS A 10 1.03 -3.30 5.13
CA LYS A 10 1.69 -4.52 5.64
C LYS A 10 0.76 -5.24 6.62
N PRO A 11 0.11 -4.51 7.50
CA PRO A 11 -0.81 -5.12 8.51
C PRO A 11 -1.98 -5.85 7.85
N VAL A 12 -2.33 -6.99 8.44
CA VAL A 12 -3.43 -7.79 7.93
C VAL A 12 -4.72 -7.03 8.04
N THR A 13 -4.82 -6.26 9.10
CA THR A 13 -6.00 -5.46 9.35
C THR A 13 -6.18 -4.49 8.18
N ARG A 14 -5.08 -3.93 7.69
CA ARG A 14 -5.18 -2.99 6.57
C ARG A 14 -5.64 -3.71 5.29
N GLY A 15 -5.65 -5.05 5.31
CA GLY A 15 -6.07 -5.80 4.14
C GLY A 15 -4.88 -6.21 3.29
N THR A 16 -3.75 -5.52 3.50
CA THR A 16 -2.52 -5.79 2.74
C THR A 16 -2.59 -5.14 1.37
N GLY A 17 -3.79 -5.11 0.81
CA GLY A 17 -4.01 -4.54 -0.52
C GLY A 17 -4.34 -5.66 -1.51
N ALA A 18 -5.06 -5.31 -2.54
CA ALA A 18 -5.44 -6.29 -3.54
C ALA A 18 -6.01 -5.58 -4.78
N GLY A 19 -5.84 -6.18 -5.96
CA GLY A 19 -6.36 -5.57 -7.20
C GLY A 19 -6.21 -4.05 -7.20
N SER A 20 -4.99 -3.59 -6.96
CA SER A 20 -4.70 -2.15 -6.94
C SER A 20 -4.38 -1.62 -8.33
N ARG A 21 -3.69 -2.42 -9.12
CA ARG A 21 -3.27 -2.05 -10.48
C ARG A 21 -2.47 -3.17 -11.17
N PRO A 22 -1.71 -3.99 -10.45
CA PRO A 22 -0.87 -5.05 -11.08
C PRO A 22 -1.60 -5.86 -12.14
N ARG A 23 -2.84 -6.20 -11.87
CA ARG A 23 -3.66 -6.98 -12.82
C ARG A 23 -4.79 -6.10 -13.38
N GLY A 24 -5.25 -6.41 -14.61
CA GLY A 24 -6.34 -5.64 -15.24
C GLY A 24 -5.75 -4.59 -16.17
N GLN A 25 -4.72 -3.90 -15.70
CA GLN A 25 -4.08 -2.87 -16.51
C GLN A 25 -3.55 -3.48 -17.81
N ASN A 26 -4.43 -3.58 -18.80
CA ASN A 26 -4.06 -4.13 -20.12
C ASN A 26 -4.71 -3.32 -21.23
N LYS A 27 -4.60 -2.00 -21.13
CA LYS A 27 -5.19 -1.11 -22.12
C LYS A 27 -4.52 -1.31 -23.50
N GLU A 28 -3.18 -1.45 -23.49
CA GLU A 28 -2.36 -1.66 -24.71
C GLU A 28 -1.11 -0.82 -24.62
N ARG A 29 -0.69 -0.54 -23.40
CA ARG A 29 0.50 0.24 -23.20
C ARG A 29 1.04 0.08 -21.79
N PRO A 30 1.53 -1.10 -21.45
CA PRO A 30 2.14 -1.35 -20.12
C PRO A 30 3.52 -0.64 -19.89
N PRO A 31 4.36 -0.39 -20.92
CA PRO A 31 5.69 0.27 -20.69
C PRO A 31 5.65 1.49 -19.74
N PRO A 32 4.65 2.35 -19.81
CA PRO A 32 4.58 3.55 -18.94
C PRO A 32 4.41 3.16 -17.49
N VAL A 33 5.02 3.93 -16.59
CA VAL A 33 4.93 3.65 -15.16
C VAL A 33 4.34 4.86 -14.42
N PRO A 34 3.35 4.69 -13.56
CA PRO A 34 2.77 5.83 -12.79
C PRO A 34 3.83 6.65 -12.04
N ASN A 35 3.60 7.96 -11.92
CA ASN A 35 4.52 8.85 -11.20
C ASN A 35 4.18 8.88 -9.70
N PRO A 36 2.93 8.76 -9.31
CA PRO A 36 2.54 8.79 -7.87
C PRO A 36 3.28 7.73 -7.05
N ASP A 37 3.98 6.85 -7.73
CA ASP A 37 4.73 5.80 -7.05
C ASP A 37 6.03 6.35 -6.48
N TYR A 38 6.28 7.65 -6.71
CA TYR A 38 7.50 8.29 -6.20
C TYR A 38 7.23 9.00 -4.88
N GLU A 39 6.10 8.68 -4.25
CA GLU A 39 5.73 9.29 -2.97
C GLU A 39 5.47 8.23 -1.90
N PRO A 40 6.27 7.18 -1.84
CA PRO A 40 6.11 6.09 -0.82
C PRO A 40 6.49 6.55 0.58
N ILE A 41 6.34 7.85 0.83
CA ILE A 41 6.68 8.43 2.11
C ILE A 41 5.73 9.58 2.46
N ARG A 42 4.45 9.39 2.17
CA ARG A 42 3.43 10.42 2.46
C ARG A 42 2.45 9.94 3.52
N LYS A 43 2.93 9.72 4.75
CA LYS A 43 2.07 9.26 5.84
C LYS A 43 2.93 8.90 7.07
N GLY A 44 2.36 9.06 8.26
CA GLY A 44 3.09 8.76 9.52
C GLY A 44 3.47 7.28 9.60
N GLN A 45 2.50 6.44 9.94
CA GLN A 45 2.74 5.01 10.07
C GLN A 45 3.74 4.73 11.18
N ARG A 46 3.27 4.90 12.41
CA ARG A 46 4.11 4.67 13.59
C ARG A 46 3.25 4.31 14.80
N ASP A 47 1.95 4.55 14.67
CA ASP A 47 1.02 4.25 15.76
C ASP A 47 0.84 2.74 15.88
N LEU A 48 1.45 2.01 14.96
CA LEU A 48 1.33 0.55 14.98
C LEU A 48 1.72 0.04 16.38
N TYR A 49 2.62 0.77 17.03
CA TYR A 49 3.08 0.38 18.38
C TYR A 49 1.91 0.31 19.36
N SER A 50 0.95 1.22 19.21
CA SER A 50 -0.22 1.25 20.10
C SER A 50 -1.15 0.06 19.85
N GLY A 51 -1.30 -0.31 18.58
CA GLY A 51 -2.18 -1.43 18.22
C GLY A 51 -1.51 -2.76 18.53
N LEU A 52 -0.32 -2.69 19.09
CA LEU A 52 0.43 -3.91 19.42
C LEU A 52 -0.34 -4.71 20.49
N ASN A 53 -0.88 -3.99 21.47
CA ASN A 53 -1.63 -4.64 22.55
C ASN A 53 -3.08 -4.89 22.12
N GLN A 54 -3.24 -5.49 20.95
CA GLN A 54 -4.57 -5.77 20.42
C GLN A 54 -5.30 -6.77 21.32
N ARG A 55 -4.58 -7.80 21.77
CA ARG A 55 -5.20 -8.83 22.63
C ARG A 55 -4.22 -10.00 22.88
N ALA A 56 -3.41 -9.89 23.93
CA ALA A 56 -2.44 -10.93 24.31
C ALA A 56 -2.11 -11.87 23.14
N VAL A 57 -1.37 -11.32 22.17
CA VAL A 57 -0.96 -12.04 20.95
C VAL A 57 -1.78 -13.32 20.73
N CYS A 1 2.99 -0.66 3.66
CA CYS A 1 2.27 -0.60 4.97
C CYS A 1 0.80 -0.31 4.71
N SER A 2 0.09 -1.31 4.18
CA SER A 2 -1.33 -1.13 3.90
C SER A 2 -2.14 -1.16 5.19
N LYS A 3 -2.31 0.01 5.80
CA LYS A 3 -3.06 0.13 7.05
C LYS A 3 -2.71 -1.02 8.00
N ASN A 4 -1.48 -1.52 7.88
CA ASN A 4 -1.01 -2.62 8.72
C ASN A 4 -2.12 -3.64 8.92
N ARG A 5 -2.59 -4.21 7.82
CA ARG A 5 -3.66 -5.20 7.88
C ARG A 5 -3.27 -6.37 8.77
N LYS A 6 -2.04 -6.86 8.59
CA LYS A 6 -1.53 -8.00 9.39
C LYS A 6 -2.66 -8.96 9.74
N ALA A 7 -2.89 -9.94 8.89
CA ALA A 7 -3.96 -10.91 9.11
C ALA A 7 -3.79 -12.12 8.21
N LYS A 8 -4.85 -12.48 7.49
CA LYS A 8 -4.80 -13.63 6.60
C LYS A 8 -5.88 -13.54 5.53
N ALA A 9 -5.44 -13.57 4.27
CA ALA A 9 -6.36 -13.50 3.14
C ALA A 9 -5.69 -14.06 1.89
N LYS A 10 -6.29 -15.12 1.35
CA LYS A 10 -5.78 -15.74 0.13
C LYS A 10 -6.89 -16.54 -0.59
N PRO A 11 -7.79 -17.20 0.11
CA PRO A 11 -8.89 -17.97 -0.56
C PRO A 11 -9.74 -17.09 -1.47
N VAL A 12 -10.11 -17.66 -2.61
CA VAL A 12 -10.92 -16.96 -3.58
C VAL A 12 -12.27 -16.63 -2.96
N THR A 13 -12.78 -17.59 -2.24
CA THR A 13 -14.06 -17.47 -1.55
C THR A 13 -13.97 -16.43 -0.45
N ARG A 14 -12.87 -16.47 0.31
CA ARG A 14 -12.69 -15.53 1.42
C ARG A 14 -12.60 -14.08 0.92
N GLY A 15 -11.99 -13.85 -0.24
CA GLY A 15 -11.89 -12.50 -0.77
C GLY A 15 -10.97 -12.45 -1.99
N THR A 16 -9.66 -12.46 -1.73
CA THR A 16 -8.69 -12.43 -2.83
C THR A 16 -8.94 -11.26 -3.78
N GLY A 17 -9.12 -10.06 -3.21
CA GLY A 17 -9.36 -8.84 -3.99
C GLY A 17 -9.98 -9.17 -5.35
N ALA A 18 -9.27 -8.77 -6.41
CA ALA A 18 -9.67 -8.99 -7.82
C ALA A 18 -9.33 -7.77 -8.68
N GLY A 19 -8.95 -7.97 -9.95
CA GLY A 19 -8.62 -6.85 -10.84
C GLY A 19 -7.64 -5.89 -10.18
N SER A 20 -6.89 -6.38 -9.20
CA SER A 20 -5.90 -5.56 -8.48
C SER A 20 -4.50 -5.80 -9.04
N ARG A 21 -4.41 -5.81 -10.36
CA ARG A 21 -3.14 -6.03 -11.04
C ARG A 21 -2.23 -4.81 -10.87
N PRO A 22 -0.93 -4.98 -10.99
CA PRO A 22 0.01 -3.86 -10.85
C PRO A 22 -0.51 -2.57 -11.49
N ARG A 23 -0.72 -1.58 -10.65
CA ARG A 23 -1.22 -0.27 -11.09
C ARG A 23 -0.69 0.06 -12.49
N GLY A 24 -1.60 0.16 -13.45
CA GLY A 24 -1.21 0.46 -14.84
C GLY A 24 -1.02 1.95 -15.05
N GLN A 25 -2.12 2.66 -15.31
CA GLN A 25 -2.07 4.11 -15.54
C GLN A 25 -0.82 4.47 -16.35
N ASN A 26 -0.78 4.05 -17.61
CA ASN A 26 0.39 4.32 -18.46
C ASN A 26 0.39 5.74 -19.01
N LYS A 27 -0.73 6.42 -18.84
CA LYS A 27 -0.85 7.80 -19.33
C LYS A 27 -0.63 7.88 -20.85
N GLU A 28 -0.03 6.86 -21.44
CA GLU A 28 0.21 6.85 -22.89
C GLU A 28 0.82 8.18 -23.34
N ARG A 29 2.10 8.37 -23.01
CA ARG A 29 2.80 9.60 -23.39
C ARG A 29 4.24 9.58 -22.85
N PRO A 30 4.42 9.27 -21.58
CA PRO A 30 5.78 9.24 -20.96
C PRO A 30 6.47 7.88 -21.12
N PRO A 31 7.78 7.84 -20.97
CA PRO A 31 8.56 6.57 -21.09
C PRO A 31 7.79 5.39 -20.50
N PRO A 32 8.11 4.18 -20.90
CA PRO A 32 7.42 2.96 -20.38
C PRO A 32 7.60 2.82 -18.87
N VAL A 33 6.86 3.65 -18.11
CA VAL A 33 6.94 3.63 -16.66
C VAL A 33 5.93 4.61 -16.06
N PRO A 34 4.83 4.15 -15.48
CA PRO A 34 3.81 5.07 -14.87
C PRO A 34 4.45 6.04 -13.85
N ASN A 35 3.90 7.25 -13.79
CA ASN A 35 4.42 8.26 -12.86
C ASN A 35 3.98 7.98 -11.43
N PRO A 36 2.74 7.61 -11.23
CA PRO A 36 2.19 7.33 -9.87
C PRO A 36 3.03 6.27 -9.17
N ASP A 37 3.84 5.56 -9.94
CA ASP A 37 4.71 4.55 -9.35
C ASP A 37 5.49 5.16 -8.20
N TYR A 38 5.66 6.49 -8.26
CA TYR A 38 6.38 7.22 -7.22
C TYR A 38 5.45 7.61 -6.06
N GLU A 39 4.49 6.74 -5.76
CA GLU A 39 3.54 6.99 -4.66
C GLU A 39 4.08 6.47 -3.31
N PRO A 40 4.80 5.36 -3.31
CA PRO A 40 5.34 4.76 -2.06
C PRO A 40 6.21 5.72 -1.25
N ILE A 41 6.55 6.85 -1.85
CA ILE A 41 7.39 7.85 -1.18
C ILE A 41 6.53 8.83 -0.41
N ARG A 42 5.23 8.64 -0.48
CA ARG A 42 4.26 9.48 0.23
C ARG A 42 3.28 8.59 0.98
N LYS A 43 3.57 8.33 2.24
CA LYS A 43 2.73 7.48 3.07
C LYS A 43 2.65 8.07 4.49
N GLY A 44 1.65 7.64 5.23
CA GLY A 44 1.44 8.13 6.60
C GLY A 44 2.76 8.35 7.34
N GLN A 45 3.43 7.26 7.68
CA GLN A 45 4.71 7.35 8.40
C GLN A 45 4.62 8.40 9.51
N ARG A 46 4.14 7.96 10.66
CA ARG A 46 3.99 8.84 11.82
C ARG A 46 3.51 8.03 13.02
N ASP A 47 2.85 6.91 12.74
CA ASP A 47 2.34 6.05 13.80
C ASP A 47 3.49 5.42 14.55
N LEU A 48 4.58 5.20 13.82
CA LEU A 48 5.75 4.60 14.43
C LEU A 48 6.29 5.50 15.53
N TYR A 49 6.29 6.82 15.32
CA TYR A 49 6.79 7.74 16.34
C TYR A 49 5.73 8.11 17.36
N SER A 50 4.50 8.35 16.91
CA SER A 50 3.42 8.71 17.82
C SER A 50 3.04 7.54 18.72
N GLY A 51 3.02 6.35 18.13
CA GLY A 51 2.65 5.15 18.88
C GLY A 51 3.82 4.63 19.71
N LEU A 52 4.99 5.25 19.53
CA LEU A 52 6.18 4.84 20.27
C LEU A 52 5.99 5.07 21.77
N ASN A 53 5.17 6.07 22.10
CA ASN A 53 4.89 6.42 23.52
C ASN A 53 4.93 5.20 24.44
N GLN A 54 4.66 4.01 23.89
CA GLN A 54 4.68 2.77 24.66
C GLN A 54 3.99 2.92 26.02
N ARG A 55 3.33 4.06 26.24
CA ARG A 55 2.64 4.28 27.51
C ARG A 55 3.56 3.92 28.68
N ALA A 56 4.68 4.63 28.79
CA ALA A 56 5.64 4.39 29.88
C ALA A 56 5.73 2.89 30.19
N VAL A 57 6.24 2.13 29.24
CA VAL A 57 6.38 0.68 29.43
C VAL A 57 5.04 0.05 29.80
N CYS A 1 4.07 -2.66 -3.34
CA CYS A 1 2.99 -3.20 -4.20
C CYS A 1 1.64 -2.78 -3.63
N SER A 2 1.02 -1.77 -4.24
CA SER A 2 -0.27 -1.29 -3.77
C SER A 2 -0.97 -0.51 -4.89
N LYS A 3 -2.29 -0.33 -4.74
CA LYS A 3 -3.07 0.40 -5.74
C LYS A 3 -2.74 1.89 -5.70
N ASN A 4 -1.47 2.20 -5.92
CA ASN A 4 -0.99 3.60 -5.93
C ASN A 4 -0.95 4.18 -4.52
N ARG A 5 -1.75 3.61 -3.63
CA ARG A 5 -1.80 4.06 -2.25
C ARG A 5 -0.41 4.02 -1.62
N LYS A 6 0.57 3.55 -2.39
CA LYS A 6 1.96 3.46 -1.90
C LYS A 6 2.06 2.44 -0.77
N ALA A 7 2.87 1.40 -1.01
CA ALA A 7 3.05 0.36 0.00
C ALA A 7 1.74 0.06 0.72
N LYS A 8 1.53 0.71 1.86
CA LYS A 8 0.31 0.52 2.64
C LYS A 8 -0.04 -0.96 2.73
N ALA A 9 0.38 -1.58 3.82
CA ALA A 9 0.10 -3.00 4.02
C ALA A 9 0.25 -3.39 5.50
N LYS A 10 -0.12 -2.47 6.38
CA LYS A 10 -0.05 -2.73 7.81
C LYS A 10 -1.28 -3.53 8.29
N PRO A 11 -2.43 -3.31 7.71
CA PRO A 11 -3.67 -4.04 8.11
C PRO A 11 -3.80 -5.39 7.41
N VAL A 12 -3.18 -6.40 7.98
CA VAL A 12 -3.23 -7.75 7.40
C VAL A 12 -4.61 -8.37 7.58
N THR A 13 -5.32 -7.91 8.59
CA THR A 13 -6.65 -8.44 8.86
C THR A 13 -7.57 -8.07 7.71
N ARG A 14 -7.30 -6.92 7.09
CA ARG A 14 -8.14 -6.46 5.98
C ARG A 14 -7.64 -7.02 4.63
N GLY A 15 -6.35 -7.41 4.54
CA GLY A 15 -5.81 -7.94 3.28
C GLY A 15 -6.40 -7.23 2.07
N THR A 16 -6.82 -5.99 2.29
CA THR A 16 -7.41 -5.19 1.21
C THR A 16 -6.36 -4.83 0.18
N GLY A 17 -5.09 -4.81 0.61
CA GLY A 17 -3.98 -4.46 -0.29
C GLY A 17 -4.25 -4.94 -1.71
N ALA A 18 -4.98 -6.06 -1.83
CA ALA A 18 -5.31 -6.63 -3.13
C ALA A 18 -5.62 -8.13 -3.00
N GLY A 19 -6.53 -8.47 -2.08
CA GLY A 19 -6.89 -9.88 -1.89
C GLY A 19 -7.61 -10.44 -3.12
N SER A 20 -8.45 -9.62 -3.74
CA SER A 20 -9.19 -10.07 -4.92
C SER A 20 -8.25 -10.45 -6.06
N ARG A 21 -7.36 -9.54 -6.42
CA ARG A 21 -6.40 -9.82 -7.47
C ARG A 21 -5.14 -8.97 -7.28
N PRO A 22 -4.00 -9.44 -7.74
CA PRO A 22 -2.71 -8.69 -7.60
C PRO A 22 -2.86 -7.20 -7.91
N ARG A 23 -3.45 -6.91 -9.07
CA ARG A 23 -3.67 -5.52 -9.53
C ARG A 23 -3.72 -5.47 -11.06
N GLY A 24 -4.74 -4.80 -11.60
CA GLY A 24 -4.89 -4.66 -13.06
C GLY A 24 -4.17 -3.43 -13.56
N GLN A 25 -4.93 -2.39 -13.88
CA GLN A 25 -4.35 -1.14 -14.38
C GLN A 25 -3.55 -1.39 -15.66
N ASN A 26 -4.28 -1.55 -16.76
CA ASN A 26 -3.65 -1.80 -18.06
C ASN A 26 -4.38 -1.04 -19.16
N LYS A 27 -4.14 0.28 -19.22
CA LYS A 27 -4.77 1.13 -20.23
C LYS A 27 -3.86 1.26 -21.46
N GLU A 28 -3.16 0.18 -21.78
CA GLU A 28 -2.26 0.17 -22.93
C GLU A 28 -1.35 1.39 -22.91
N ARG A 29 -1.06 1.88 -21.70
CA ARG A 29 -0.21 3.06 -21.56
C ARG A 29 1.28 2.67 -21.53
N PRO A 30 2.16 3.52 -22.02
CA PRO A 30 3.62 3.25 -22.05
C PRO A 30 4.09 2.48 -20.82
N PRO A 31 5.22 1.80 -20.90
CA PRO A 31 5.76 1.02 -19.75
C PRO A 31 5.58 1.74 -18.40
N PRO A 32 5.48 1.03 -17.30
CA PRO A 32 5.34 1.65 -15.95
C PRO A 32 6.35 2.79 -15.74
N VAL A 33 5.84 4.01 -15.55
CA VAL A 33 6.68 5.17 -15.31
C VAL A 33 5.93 6.22 -14.51
N PRO A 34 5.19 5.80 -13.51
CA PRO A 34 4.41 6.75 -12.65
C PRO A 34 5.30 7.74 -11.93
N ASN A 35 4.82 8.98 -11.79
CA ASN A 35 5.58 10.02 -11.10
C ASN A 35 5.24 10.04 -9.60
N PRO A 36 3.99 9.89 -9.26
CA PRO A 36 3.53 9.90 -7.84
C PRO A 36 4.21 8.82 -7.01
N ASP A 37 4.79 7.83 -7.68
CA ASP A 37 5.47 6.75 -6.98
C ASP A 37 6.91 7.17 -6.65
N TYR A 38 7.30 8.39 -7.04
CA TYR A 38 8.66 8.87 -6.79
C TYR A 38 8.67 9.91 -5.67
N GLU A 39 7.62 9.90 -4.85
CA GLU A 39 7.51 10.83 -3.74
C GLU A 39 7.16 10.08 -2.44
N PRO A 40 7.75 8.92 -2.21
CA PRO A 40 7.49 8.12 -0.98
C PRO A 40 8.00 8.81 0.29
N ILE A 41 8.01 10.15 0.25
CA ILE A 41 8.48 10.95 1.39
C ILE A 41 7.29 11.53 2.15
N ARG A 42 6.08 11.14 1.75
CA ARG A 42 4.86 11.63 2.41
C ARG A 42 4.25 10.55 3.30
N LYS A 43 4.61 10.57 4.57
CA LYS A 43 4.10 9.59 5.52
C LYS A 43 4.47 9.96 6.96
N GLY A 44 3.53 9.84 7.90
CA GLY A 44 3.80 10.17 9.30
C GLY A 44 4.78 9.18 9.93
N GLN A 45 4.47 7.89 9.82
CA GLN A 45 5.33 6.85 10.39
C GLN A 45 5.63 7.15 11.86
N ARG A 46 4.69 6.79 12.71
CA ARG A 46 4.85 7.02 14.15
C ARG A 46 3.70 6.40 14.92
N ASP A 47 2.65 6.00 14.20
CA ASP A 47 1.48 5.39 14.82
C ASP A 47 1.58 3.88 14.78
N LEU A 48 2.66 3.38 14.20
CA LEU A 48 2.86 1.93 14.09
C LEU A 48 2.97 1.34 15.50
N TYR A 49 3.60 2.09 16.41
CA TYR A 49 3.76 1.60 17.78
C TYR A 49 2.41 1.38 18.46
N SER A 50 1.45 2.25 18.17
CA SER A 50 0.11 2.13 18.76
C SER A 50 -0.56 0.83 18.35
N GLY A 51 -0.45 0.52 17.06
CA GLY A 51 -1.04 -0.71 16.55
C GLY A 51 -0.29 -1.94 17.06
N LEU A 52 0.69 -1.70 17.93
CA LEU A 52 1.49 -2.80 18.49
C LEU A 52 0.60 -3.72 19.32
N ASN A 53 -0.40 -3.14 19.97
CA ASN A 53 -1.33 -3.94 20.80
C ASN A 53 -1.55 -5.32 20.20
N GLN A 54 -1.42 -5.43 18.88
CA GLN A 54 -1.60 -6.71 18.19
C GLN A 54 -2.80 -7.46 18.74
N ARG A 55 -3.66 -6.74 19.48
CA ARG A 55 -4.88 -7.34 20.07
C ARG A 55 -4.69 -8.83 20.32
N ALA A 56 -3.84 -9.15 21.28
CA ALA A 56 -3.55 -10.56 21.58
C ALA A 56 -3.26 -11.32 20.29
N VAL A 57 -2.17 -10.94 19.62
CA VAL A 57 -1.79 -11.59 18.35
C VAL A 57 -3.01 -11.90 17.50
N CYS A 1 2.28 -3.45 -5.40
CA CYS A 1 1.17 -2.53 -5.77
C CYS A 1 -0.10 -2.95 -5.02
N SER A 2 -1.03 -2.01 -4.89
CA SER A 2 -2.28 -2.28 -4.19
C SER A 2 -2.02 -2.73 -2.76
N LYS A 3 -2.77 -2.15 -1.81
CA LYS A 3 -2.60 -2.50 -0.41
C LYS A 3 -1.13 -2.55 -0.06
N ASN A 4 -0.57 -1.39 0.27
CA ASN A 4 0.84 -1.31 0.64
C ASN A 4 1.12 -2.17 1.86
N ARG A 5 0.05 -2.57 2.54
CA ARG A 5 0.19 -3.39 3.73
C ARG A 5 0.78 -4.76 3.38
N LYS A 6 0.34 -5.31 2.26
CA LYS A 6 0.82 -6.62 1.81
C LYS A 6 0.58 -7.68 2.89
N ALA A 7 -0.06 -7.29 3.99
CA ALA A 7 -0.34 -8.23 5.07
C ALA A 7 -1.33 -7.62 6.05
N LYS A 8 -2.46 -8.30 6.24
CA LYS A 8 -3.49 -7.81 7.16
C LYS A 8 -4.44 -8.93 7.52
N ALA A 9 -4.17 -10.11 6.99
CA ALA A 9 -5.03 -11.26 7.25
C ALA A 9 -4.41 -12.53 6.68
N LYS A 10 -4.61 -13.64 7.39
CA LYS A 10 -4.08 -14.94 6.96
C LYS A 10 -5.21 -15.80 6.36
N PRO A 11 -6.39 -15.77 6.95
CA PRO A 11 -7.55 -16.57 6.46
C PRO A 11 -7.88 -16.27 5.00
N VAL A 12 -7.75 -17.30 4.17
CA VAL A 12 -8.04 -17.15 2.74
C VAL A 12 -9.50 -16.85 2.52
N THR A 13 -10.30 -17.16 3.52
CA THR A 13 -11.73 -16.92 3.47
C THR A 13 -11.99 -15.43 3.38
N ARG A 14 -11.09 -14.65 3.95
CA ARG A 14 -11.26 -13.19 3.92
C ARG A 14 -11.28 -12.67 2.49
N GLY A 15 -10.49 -13.30 1.62
CA GLY A 15 -10.40 -12.88 0.22
C GLY A 15 -8.98 -13.11 -0.31
N THR A 16 -8.86 -13.92 -1.38
CA THR A 16 -7.56 -14.21 -1.95
C THR A 16 -6.91 -12.94 -2.48
N GLY A 17 -7.69 -12.15 -3.21
CA GLY A 17 -7.21 -10.90 -3.78
C GLY A 17 -7.56 -10.82 -5.26
N ALA A 18 -8.00 -9.64 -5.71
CA ALA A 18 -8.36 -9.47 -7.11
C ALA A 18 -8.54 -7.98 -7.44
N GLY A 19 -8.30 -7.59 -8.71
CA GLY A 19 -8.45 -6.17 -9.08
C GLY A 19 -7.17 -5.40 -8.79
N SER A 20 -6.09 -5.81 -9.44
CA SER A 20 -4.81 -5.15 -9.27
C SER A 20 -3.96 -5.31 -10.51
N ARG A 21 -4.32 -4.58 -11.56
CA ARG A 21 -3.57 -4.63 -12.81
C ARG A 21 -3.59 -3.26 -13.52
N PRO A 22 -2.43 -2.73 -13.92
CA PRO A 22 -2.37 -1.40 -14.61
C PRO A 22 -3.38 -1.27 -15.75
N ARG A 23 -3.54 -2.35 -16.51
CA ARG A 23 -4.47 -2.38 -17.64
C ARG A 23 -3.82 -1.84 -18.89
N GLY A 24 -2.74 -1.10 -18.68
CA GLY A 24 -1.97 -0.51 -19.77
C GLY A 24 -2.35 0.96 -19.98
N GLN A 25 -3.55 1.32 -19.53
CA GLN A 25 -4.03 2.71 -19.64
C GLN A 25 -4.23 3.12 -21.10
N ASN A 26 -3.50 2.45 -21.98
CA ASN A 26 -3.58 2.72 -23.42
C ASN A 26 -3.63 4.22 -23.67
N LYS A 27 -2.67 4.94 -23.10
CA LYS A 27 -2.61 6.40 -23.27
C LYS A 27 -1.19 6.88 -23.52
N GLU A 28 -0.29 5.93 -23.79
CA GLU A 28 1.11 6.25 -24.07
C GLU A 28 1.74 6.97 -22.88
N ARG A 29 1.34 6.57 -21.66
CA ARG A 29 1.89 7.20 -20.46
C ARG A 29 3.15 6.47 -19.99
N PRO A 30 4.02 7.16 -19.28
CA PRO A 30 5.28 6.54 -18.77
C PRO A 30 5.07 5.12 -18.26
N PRO A 31 6.10 4.31 -18.26
CA PRO A 31 6.01 2.91 -17.78
C PRO A 31 5.14 2.77 -16.51
N PRO A 32 4.76 1.57 -16.13
CA PRO A 32 3.94 1.33 -14.90
C PRO A 32 4.56 1.98 -13.64
N VAL A 33 4.59 1.22 -12.55
CA VAL A 33 5.16 1.72 -11.30
C VAL A 33 4.45 3.01 -10.87
N PRO A 34 3.28 2.89 -10.32
CA PRO A 34 2.50 4.06 -9.85
C PRO A 34 3.27 4.90 -8.83
N ASN A 35 3.07 6.21 -8.90
CA ASN A 35 3.75 7.14 -7.99
C ASN A 35 3.27 6.90 -6.55
N PRO A 36 1.99 6.70 -6.36
CA PRO A 36 1.39 6.48 -5.00
C PRO A 36 1.99 5.24 -4.33
N ASP A 37 2.60 4.38 -5.12
CA ASP A 37 3.21 3.16 -4.56
C ASP A 37 4.56 3.49 -3.92
N TYR A 38 4.98 4.74 -4.06
CA TYR A 38 6.25 5.16 -3.48
C TYR A 38 6.40 6.68 -3.58
N GLU A 39 5.82 7.39 -2.62
CA GLU A 39 5.89 8.86 -2.59
C GLU A 39 6.50 9.35 -1.27
N PRO A 40 7.69 8.91 -0.95
CA PRO A 40 8.38 9.32 0.32
C PRO A 40 8.72 10.81 0.38
N ILE A 41 8.02 11.59 -0.44
CA ILE A 41 8.23 13.03 -0.50
C ILE A 41 6.98 13.77 -0.01
N ARG A 42 6.11 13.06 0.69
CA ARG A 42 4.91 13.67 1.21
C ARG A 42 4.32 12.79 2.31
N LYS A 43 4.98 12.81 3.47
CA LYS A 43 4.50 12.01 4.60
C LYS A 43 4.99 12.62 5.92
N GLY A 44 4.10 12.70 6.90
CA GLY A 44 4.46 13.26 8.21
C GLY A 44 5.52 12.41 8.91
N GLN A 45 5.32 11.10 8.93
CA GLN A 45 6.29 10.21 9.59
C GLN A 45 6.63 10.72 10.97
N ARG A 46 5.72 10.50 11.91
CA ARG A 46 5.94 10.93 13.29
C ARG A 46 4.92 10.28 14.22
N ASP A 47 3.89 9.68 13.64
CA ASP A 47 2.85 9.02 14.43
C ASP A 47 3.19 7.55 14.61
N LEU A 48 4.28 7.12 13.99
CA LEU A 48 4.68 5.72 14.09
C LEU A 48 5.43 5.48 15.39
N TYR A 49 5.68 6.55 16.15
CA TYR A 49 6.38 6.44 17.42
C TYR A 49 5.42 6.67 18.59
N SER A 50 4.45 7.55 18.39
CA SER A 50 3.48 7.84 19.45
C SER A 50 2.54 6.66 19.67
N GLY A 51 2.14 6.02 18.56
CA GLY A 51 1.23 4.87 18.65
C GLY A 51 1.99 3.60 18.97
N LEU A 52 3.31 3.65 18.85
CA LEU A 52 4.14 2.48 19.12
C LEU A 52 4.06 2.11 20.59
N ASN A 53 4.04 3.12 21.45
CA ASN A 53 3.97 2.87 22.88
C ASN A 53 2.85 1.88 23.20
N GLN A 54 1.79 1.89 22.40
CA GLN A 54 0.66 0.99 22.62
C GLN A 54 0.30 0.92 24.10
N ARG A 55 0.87 1.82 24.90
CA ARG A 55 0.61 1.85 26.35
C ARG A 55 0.55 0.45 26.93
N ALA A 56 1.07 -0.51 26.18
CA ALA A 56 1.06 -1.91 26.60
C ALA A 56 2.23 -2.67 25.98
N VAL A 57 3.44 -2.19 26.25
CA VAL A 57 4.66 -2.83 25.73
C VAL A 57 5.54 -3.31 26.87
N CYS A 1 1.67 -4.77 -6.16
CA CYS A 1 0.88 -3.74 -5.44
C CYS A 1 -0.06 -3.03 -6.41
N SER A 2 -1.10 -2.40 -5.87
CA SER A 2 -2.08 -1.69 -6.69
C SER A 2 -2.70 -0.53 -5.91
N LYS A 3 -2.74 0.64 -6.53
CA LYS A 3 -3.31 1.82 -5.88
C LYS A 3 -2.70 2.04 -4.50
N ASN A 4 -1.40 1.77 -4.40
CA ASN A 4 -0.69 1.94 -3.14
C ASN A 4 -1.35 1.13 -2.04
N ARG A 5 -1.16 -0.20 -2.07
CA ARG A 5 -1.75 -1.05 -1.04
C ARG A 5 -1.11 -0.79 0.32
N LYS A 6 0.22 -0.62 0.32
CA LYS A 6 0.98 -0.35 1.57
C LYS A 6 0.33 -1.06 2.76
N ALA A 7 0.91 -2.19 3.16
CA ALA A 7 0.35 -2.96 4.29
C ALA A 7 -0.09 -2.03 5.42
N LYS A 8 0.40 -0.80 5.40
CA LYS A 8 0.03 0.19 6.42
C LYS A 8 0.80 -0.06 7.71
N ALA A 9 1.18 -1.31 7.94
CA ALA A 9 1.93 -1.67 9.14
C ALA A 9 1.95 -3.19 9.32
N LYS A 10 0.84 -3.85 8.96
CA LYS A 10 0.74 -5.31 9.09
C LYS A 10 -0.69 -5.78 8.77
N PRO A 11 -1.69 -5.23 9.40
CA PRO A 11 -3.11 -5.62 9.18
C PRO A 11 -3.42 -5.99 7.74
N VAL A 12 -3.16 -7.25 7.42
CA VAL A 12 -3.43 -7.76 6.07
C VAL A 12 -4.92 -7.89 5.85
N THR A 13 -5.66 -7.98 6.94
CA THR A 13 -7.11 -8.10 6.88
C THR A 13 -7.64 -6.99 6.01
N ARG A 14 -6.85 -5.94 5.88
CA ARG A 14 -7.25 -4.79 5.06
C ARG A 14 -7.89 -5.27 3.75
N GLY A 15 -7.37 -6.39 3.21
CA GLY A 15 -7.91 -6.95 1.96
C GLY A 15 -7.10 -6.50 0.76
N THR A 16 -6.25 -7.38 0.25
CA THR A 16 -5.42 -7.05 -0.91
C THR A 16 -6.28 -6.87 -2.15
N GLY A 17 -7.14 -7.83 -2.43
CA GLY A 17 -8.01 -7.76 -3.61
C GLY A 17 -7.20 -8.06 -4.88
N ALA A 18 -7.59 -9.11 -5.60
CA ALA A 18 -6.90 -9.48 -6.83
C ALA A 18 -7.65 -8.96 -8.04
N GLY A 19 -7.89 -7.65 -8.05
CA GLY A 19 -8.61 -7.00 -9.16
C GLY A 19 -7.97 -5.67 -9.52
N SER A 20 -6.74 -5.75 -10.03
CA SER A 20 -6.01 -4.55 -10.43
C SER A 20 -4.77 -4.95 -11.21
N ARG A 21 -4.95 -5.17 -12.50
CA ARG A 21 -3.85 -5.58 -13.38
C ARG A 21 -2.90 -4.39 -13.59
N PRO A 22 -1.84 -4.58 -14.37
CA PRO A 22 -0.85 -3.49 -14.66
C PRO A 22 -1.49 -2.31 -15.40
N ARG A 23 -2.73 -2.48 -15.82
CA ARG A 23 -3.47 -1.44 -16.55
C ARG A 23 -2.77 -1.10 -17.85
N GLY A 24 -3.52 -1.10 -18.95
CA GLY A 24 -2.97 -0.80 -20.27
C GLY A 24 -3.07 0.70 -20.59
N GLN A 25 -3.15 1.52 -19.55
CA GLN A 25 -3.24 2.97 -19.75
C GLN A 25 -2.00 3.50 -20.48
N ASN A 26 -2.01 3.41 -21.80
CA ASN A 26 -0.88 3.90 -22.59
C ASN A 26 -1.35 4.25 -24.00
N LYS A 27 -1.84 5.48 -24.15
CA LYS A 27 -2.32 5.94 -25.45
C LYS A 27 -1.17 6.03 -26.47
N GLU A 28 0.03 6.38 -25.99
CA GLU A 28 1.17 6.52 -26.88
C GLU A 28 2.47 6.61 -26.08
N ARG A 29 2.40 6.20 -24.82
CA ARG A 29 3.56 6.23 -23.92
C ARG A 29 4.06 4.80 -23.65
N PRO A 30 5.28 4.65 -23.21
CA PRO A 30 5.89 3.31 -22.92
C PRO A 30 4.96 2.45 -22.05
N PRO A 31 5.27 1.18 -21.92
CA PRO A 31 4.45 0.23 -21.12
C PRO A 31 3.91 0.87 -19.83
N PRO A 32 2.98 0.23 -19.15
CA PRO A 32 2.41 0.79 -17.88
C PRO A 32 3.49 1.02 -16.83
N VAL A 33 3.43 2.16 -16.16
CA VAL A 33 4.39 2.50 -15.11
C VAL A 33 3.77 3.49 -14.12
N PRO A 34 2.85 3.03 -13.32
CA PRO A 34 2.17 3.88 -12.30
C PRO A 34 3.14 4.38 -11.23
N ASN A 35 2.89 5.58 -10.72
CA ASN A 35 3.74 6.17 -9.68
C ASN A 35 3.17 5.87 -8.29
N PRO A 36 1.87 6.00 -8.13
CA PRO A 36 1.19 5.75 -6.82
C PRO A 36 1.39 4.31 -6.34
N ASP A 37 1.75 3.43 -7.26
CA ASP A 37 1.96 2.03 -6.90
C ASP A 37 3.29 1.87 -6.17
N TYR A 38 4.06 2.96 -6.08
CA TYR A 38 5.35 2.92 -5.40
C TYR A 38 5.63 4.24 -4.69
N GLU A 39 4.75 4.61 -3.75
CA GLU A 39 4.92 5.85 -3.01
C GLU A 39 4.72 5.60 -1.51
N PRO A 40 5.44 4.67 -0.94
CA PRO A 40 5.33 4.33 0.51
C PRO A 40 5.91 5.42 1.41
N ILE A 41 5.97 6.63 0.87
CA ILE A 41 6.50 7.78 1.60
C ILE A 41 5.39 8.56 2.28
N ARG A 42 4.16 8.12 2.07
CA ARG A 42 3.00 8.78 2.67
C ARG A 42 2.41 7.90 3.77
N LYS A 43 2.88 8.08 5.00
CA LYS A 43 2.41 7.29 6.12
C LYS A 43 2.92 7.85 7.47
N GLY A 44 2.06 7.86 8.49
CA GLY A 44 2.47 8.38 9.81
C GLY A 44 3.53 7.52 10.49
N GLN A 45 3.40 6.19 10.39
CA GLN A 45 4.36 5.28 11.02
C GLN A 45 4.76 5.78 12.40
N ARG A 46 3.93 5.45 13.38
CA ARG A 46 4.18 5.84 14.75
C ARG A 46 3.20 5.15 15.70
N ASP A 47 2.05 4.75 15.16
CA ASP A 47 1.04 4.08 15.96
C ASP A 47 1.45 2.64 16.24
N LEU A 48 2.51 2.20 15.58
CA LEU A 48 3.00 0.84 15.77
C LEU A 48 3.53 0.67 17.20
N TYR A 49 3.56 1.77 17.95
CA TYR A 49 4.05 1.73 19.34
C TYR A 49 2.91 1.96 20.32
N SER A 50 1.76 2.39 19.80
CA SER A 50 0.60 2.65 20.65
C SER A 50 -0.20 1.38 20.90
N GLY A 51 -0.36 0.59 19.84
CA GLY A 51 -1.12 -0.67 19.94
C GLY A 51 -0.26 -1.78 20.55
N LEU A 52 1.03 -1.50 20.71
CA LEU A 52 1.94 -2.50 21.28
C LEU A 52 1.92 -2.43 22.80
N ASN A 53 1.20 -1.45 23.35
CA ASN A 53 1.10 -1.32 24.80
C ASN A 53 0.96 -2.69 25.45
N GLN A 54 0.41 -3.64 24.69
CA GLN A 54 0.24 -5.00 25.21
C GLN A 54 -0.29 -4.96 26.64
N ARG A 55 -0.80 -3.79 27.05
CA ARG A 55 -1.35 -3.60 28.40
C ARG A 55 -0.57 -4.43 29.43
N ALA A 56 0.32 -3.76 30.14
CA ALA A 56 1.13 -4.41 31.18
C ALA A 56 2.25 -5.26 30.57
N VAL A 57 3.04 -4.61 29.70
CA VAL A 57 4.19 -5.24 29.03
C VAL A 57 4.53 -4.41 27.78
N CYS A 1 0.61 0.34 -11.19
CA CYS A 1 0.35 0.41 -9.73
C CYS A 1 -0.67 -0.65 -9.34
N SER A 2 -1.63 -0.90 -10.24
CA SER A 2 -2.65 -1.90 -9.99
C SER A 2 -3.36 -1.63 -8.67
N LYS A 3 -3.74 -0.38 -8.47
CA LYS A 3 -4.43 0.03 -7.24
C LYS A 3 -3.75 -0.59 -6.02
N ASN A 4 -2.42 -0.70 -6.10
CA ASN A 4 -1.65 -1.28 -5.00
C ASN A 4 -2.22 -2.64 -4.60
N ARG A 5 -3.18 -3.12 -5.38
CA ARG A 5 -3.80 -4.41 -5.09
C ARG A 5 -2.84 -5.56 -5.43
N LYS A 6 -1.81 -5.25 -6.23
CA LYS A 6 -0.84 -6.27 -6.61
C LYS A 6 -0.50 -7.17 -5.42
N ALA A 7 -0.72 -6.67 -4.21
CA ALA A 7 -0.44 -7.44 -3.02
C ALA A 7 -0.87 -6.65 -1.77
N LYS A 8 -2.18 -6.53 -1.56
CA LYS A 8 -2.70 -5.81 -0.39
C LYS A 8 -3.80 -6.62 0.28
N ALA A 9 -3.56 -6.99 1.53
CA ALA A 9 -4.54 -7.78 2.28
C ALA A 9 -4.73 -9.15 1.62
N LYS A 10 -4.80 -10.20 2.45
CA LYS A 10 -4.98 -11.57 1.93
C LYS A 10 -6.09 -12.29 2.70
N PRO A 11 -7.31 -11.84 2.56
CA PRO A 11 -8.48 -12.46 3.24
C PRO A 11 -8.95 -13.75 2.57
N VAL A 12 -8.77 -14.86 3.29
CA VAL A 12 -9.15 -16.17 2.78
C VAL A 12 -10.65 -16.25 2.60
N THR A 13 -11.36 -15.72 3.58
CA THR A 13 -12.81 -15.73 3.54
C THR A 13 -13.30 -15.35 2.15
N ARG A 14 -12.53 -14.49 1.49
CA ARG A 14 -12.89 -14.03 0.14
C ARG A 14 -11.63 -13.87 -0.72
N GLY A 15 -11.20 -14.97 -1.35
CA GLY A 15 -10.00 -14.98 -2.22
C GLY A 15 -9.43 -13.58 -2.47
N THR A 16 -9.97 -12.89 -3.47
CA THR A 16 -9.54 -11.54 -3.80
C THR A 16 -10.59 -10.82 -4.65
N GLY A 17 -10.24 -10.53 -5.91
CA GLY A 17 -11.15 -9.85 -6.82
C GLY A 17 -11.17 -10.53 -8.19
N ALA A 18 -10.59 -9.86 -9.19
CA ALA A 18 -10.53 -10.37 -10.55
C ALA A 18 -10.50 -9.19 -11.54
N GLY A 19 -9.89 -9.35 -12.72
CA GLY A 19 -9.87 -8.26 -13.69
C GLY A 19 -9.28 -6.98 -13.10
N SER A 20 -8.27 -7.13 -12.24
CA SER A 20 -7.64 -5.98 -11.59
C SER A 20 -7.31 -4.89 -12.62
N ARG A 21 -6.91 -5.33 -13.80
CA ARG A 21 -6.57 -4.40 -14.89
C ARG A 21 -5.44 -3.46 -14.47
N PRO A 22 -4.20 -3.82 -14.73
CA PRO A 22 -3.04 -2.96 -14.35
C PRO A 22 -3.12 -1.56 -14.96
N ARG A 23 -3.14 -1.51 -16.29
CA ARG A 23 -3.23 -0.24 -17.03
C ARG A 23 -2.22 0.78 -16.46
N GLY A 24 -2.09 1.91 -17.14
CA GLY A 24 -1.16 2.94 -16.69
C GLY A 24 -1.03 4.02 -17.76
N GLN A 25 -1.20 5.27 -17.34
CA GLN A 25 -1.09 6.41 -18.26
C GLN A 25 0.07 6.19 -19.23
N ASN A 26 -0.22 5.52 -20.34
CA ASN A 26 0.81 5.22 -21.35
C ASN A 26 0.44 5.80 -22.71
N LYS A 27 0.22 7.11 -22.76
CA LYS A 27 -0.13 7.79 -24.02
C LYS A 27 1.01 8.69 -24.47
N GLU A 28 1.91 9.03 -23.55
CA GLU A 28 3.01 9.93 -23.87
C GLU A 28 4.00 10.02 -22.72
N ARG A 29 4.08 8.94 -21.93
CA ARG A 29 4.98 8.90 -20.78
C ARG A 29 5.75 7.57 -20.76
N PRO A 30 6.98 7.56 -20.30
CA PRO A 30 7.81 6.32 -20.24
C PRO A 30 7.30 5.37 -19.13
N PRO A 31 7.66 4.11 -19.17
CA PRO A 31 7.19 3.10 -18.16
C PRO A 31 7.15 3.60 -16.70
N PRO A 32 8.15 4.30 -16.22
CA PRO A 32 8.20 4.76 -14.80
C PRO A 32 7.23 5.92 -14.51
N VAL A 33 5.97 5.58 -14.28
CA VAL A 33 4.94 6.56 -13.96
C VAL A 33 4.35 6.38 -12.55
N PRO A 34 4.54 5.25 -11.87
CA PRO A 34 3.97 5.03 -10.52
C PRO A 34 4.81 5.69 -9.43
N ASN A 35 4.23 6.68 -8.76
CA ASN A 35 4.92 7.40 -7.69
C ASN A 35 4.32 6.99 -6.33
N PRO A 36 3.01 6.88 -6.25
CA PRO A 36 2.31 6.51 -4.99
C PRO A 36 2.80 5.15 -4.49
N ASP A 37 3.42 4.38 -5.38
CA ASP A 37 3.93 3.06 -5.01
C ASP A 37 4.98 3.19 -3.92
N TYR A 38 5.36 4.43 -3.59
CA TYR A 38 6.37 4.66 -2.55
C TYR A 38 5.71 5.03 -1.21
N GLU A 39 4.40 4.75 -1.11
CA GLU A 39 3.63 5.05 0.13
C GLU A 39 3.24 3.78 0.92
N PRO A 40 3.16 2.61 0.31
CA PRO A 40 2.79 1.33 1.01
C PRO A 40 3.69 0.98 2.22
N ILE A 41 4.12 1.99 2.96
CA ILE A 41 4.98 1.78 4.14
C ILE A 41 4.52 2.66 5.30
N ARG A 42 3.22 2.98 5.34
CA ARG A 42 2.68 3.82 6.41
C ARG A 42 2.27 2.97 7.60
N LYS A 43 1.29 2.12 7.39
CA LYS A 43 0.76 1.23 8.43
C LYS A 43 0.76 1.92 9.80
N GLY A 44 0.68 3.24 9.78
CA GLY A 44 0.67 4.01 11.03
C GLY A 44 2.06 4.00 11.66
N GLN A 45 2.34 2.95 12.43
CA GLN A 45 3.65 2.81 13.10
C GLN A 45 4.15 4.16 13.57
N ARG A 46 3.50 4.66 14.61
CA ARG A 46 3.86 5.96 15.18
C ARG A 46 3.37 6.06 16.62
N ASP A 47 2.45 5.17 16.99
CA ASP A 47 1.91 5.17 18.35
C ASP A 47 2.91 4.56 19.32
N LEU A 48 3.86 3.80 18.78
CA LEU A 48 4.87 3.17 19.62
C LEU A 48 5.71 4.23 20.32
N TYR A 49 5.97 5.35 19.64
CA TYR A 49 6.77 6.43 20.21
C TYR A 49 6.06 7.06 21.41
N SER A 50 4.77 7.30 21.30
CA SER A 50 4.02 7.91 22.39
C SER A 50 3.94 6.94 23.57
N GLY A 51 3.69 5.68 23.26
CA GLY A 51 3.59 4.64 24.29
C GLY A 51 4.91 4.49 25.04
N LEU A 52 5.91 5.27 24.64
CA LEU A 52 7.22 5.20 25.28
C LEU A 52 7.18 5.78 26.68
N ASN A 53 6.17 6.61 26.96
CA ASN A 53 6.03 7.24 28.27
C ASN A 53 6.43 6.28 29.40
N GLN A 54 6.25 4.98 29.17
CA GLN A 54 6.59 3.99 30.18
C GLN A 54 5.97 4.34 31.53
N ARG A 55 5.18 5.42 31.56
CA ARG A 55 4.51 5.84 32.81
C ARG A 55 5.39 5.57 34.03
N ALA A 56 6.45 6.36 34.17
CA ALA A 56 7.38 6.19 35.30
C ALA A 56 7.62 4.72 35.60
N VAL A 57 8.32 4.05 34.69
CA VAL A 57 8.61 2.62 34.85
C VAL A 57 8.95 2.31 36.32
N CYS A 1 -2.13 -10.94 1.36
CA CYS A 1 -2.21 -10.16 0.10
C CYS A 1 -3.57 -9.52 -0.02
N SER A 2 -3.73 -8.35 0.59
CA SER A 2 -5.01 -7.64 0.54
C SER A 2 -5.30 -7.21 -0.89
N LYS A 3 -6.56 -7.33 -1.31
CA LYS A 3 -6.94 -6.95 -2.67
C LYS A 3 -6.89 -5.43 -2.84
N ASN A 4 -5.86 -4.81 -2.28
CA ASN A 4 -5.72 -3.35 -2.38
C ASN A 4 -4.43 -2.88 -1.71
N ARG A 5 -4.29 -3.18 -0.42
CA ARG A 5 -3.10 -2.76 0.30
C ARG A 5 -1.87 -3.55 -0.15
N LYS A 6 -2.06 -4.87 -0.27
CA LYS A 6 -0.97 -5.79 -0.69
C LYS A 6 0.40 -5.25 -0.36
N ALA A 7 0.50 -4.62 0.80
CA ALA A 7 1.75 -4.03 1.26
C ALA A 7 1.72 -3.86 2.78
N LYS A 8 0.60 -3.39 3.32
CA LYS A 8 0.46 -3.21 4.76
C LYS A 8 -0.96 -3.58 5.21
N ALA A 9 -1.10 -4.79 5.76
CA ALA A 9 -2.40 -5.26 6.23
C ALA A 9 -2.37 -6.79 6.38
N LYS A 10 -3.21 -7.31 7.28
CA LYS A 10 -3.28 -8.76 7.51
C LYS A 10 -4.72 -9.14 7.88
N PRO A 11 -5.62 -9.13 6.92
CA PRO A 11 -7.05 -9.46 7.18
C PRO A 11 -7.30 -10.94 7.34
N VAL A 12 -7.02 -11.67 6.28
CA VAL A 12 -7.23 -13.14 6.24
C VAL A 12 -8.70 -13.49 6.39
N THR A 13 -9.35 -12.84 7.33
CA THR A 13 -10.76 -13.08 7.58
C THR A 13 -11.63 -12.36 6.54
N ARG A 14 -11.01 -11.43 5.80
CA ARG A 14 -11.76 -10.67 4.78
C ARG A 14 -11.76 -11.41 3.45
N GLY A 15 -11.38 -12.69 3.47
CA GLY A 15 -11.36 -13.48 2.23
C GLY A 15 -10.77 -12.68 1.07
N THR A 16 -9.89 -11.74 1.40
CA THR A 16 -9.24 -10.88 0.41
C THR A 16 -9.00 -11.62 -0.92
N GLY A 17 -10.05 -11.69 -1.73
CA GLY A 17 -9.96 -12.38 -3.03
C GLY A 17 -9.02 -11.65 -3.98
N ALA A 18 -9.57 -10.78 -4.81
CA ALA A 18 -8.77 -10.04 -5.77
C ALA A 18 -9.57 -8.88 -6.38
N GLY A 19 -8.89 -7.84 -6.88
CA GLY A 19 -9.56 -6.69 -7.47
C GLY A 19 -8.56 -5.78 -8.19
N SER A 20 -7.60 -5.24 -7.44
CA SER A 20 -6.59 -4.34 -8.02
C SER A 20 -5.25 -5.05 -8.17
N ARG A 21 -5.29 -6.23 -8.79
CA ARG A 21 -4.07 -7.02 -8.98
C ARG A 21 -3.07 -6.33 -9.92
N PRO A 22 -3.53 -5.70 -10.98
CA PRO A 22 -2.62 -5.03 -11.96
C PRO A 22 -2.27 -3.60 -11.55
N ARG A 23 -3.03 -3.11 -10.60
CA ARG A 23 -2.84 -1.75 -10.08
C ARG A 23 -2.85 -0.75 -11.25
N GLY A 24 -2.96 0.55 -10.92
CA GLY A 24 -2.98 1.59 -11.93
C GLY A 24 -1.59 1.89 -12.42
N GLN A 25 -1.53 2.31 -13.67
CA GLN A 25 -0.27 2.65 -14.31
C GLN A 25 -0.52 3.36 -15.65
N ASN A 26 -0.95 4.61 -15.59
CA ASN A 26 -1.21 5.37 -16.82
C ASN A 26 -1.31 6.87 -16.53
N LYS A 27 -0.20 7.59 -16.71
CA LYS A 27 -0.17 9.04 -16.49
C LYS A 27 0.66 9.76 -17.56
N GLU A 28 1.53 9.02 -18.27
CA GLU A 28 2.39 9.64 -19.31
C GLU A 28 2.88 11.01 -18.87
N ARG A 29 4.09 11.03 -18.31
CA ARG A 29 4.70 12.27 -17.83
C ARG A 29 5.91 11.95 -16.93
N PRO A 30 5.80 11.00 -16.01
CA PRO A 30 6.92 10.65 -15.10
C PRO A 30 7.90 9.67 -15.74
N PRO A 31 9.08 9.52 -15.19
CA PRO A 31 10.12 8.58 -15.73
C PRO A 31 9.52 7.23 -16.13
N PRO A 32 10.33 6.30 -16.59
CA PRO A 32 9.84 4.95 -17.01
C PRO A 32 9.24 4.16 -15.85
N VAL A 33 8.80 4.86 -14.80
CA VAL A 33 8.21 4.20 -13.64
C VAL A 33 7.18 5.14 -12.97
N PRO A 34 5.90 4.93 -13.19
CA PRO A 34 4.83 5.79 -12.56
C PRO A 34 4.95 5.81 -11.03
N ASN A 35 4.44 6.86 -10.40
CA ASN A 35 4.53 6.96 -8.95
C ASN A 35 3.51 6.04 -8.28
N PRO A 36 2.27 6.05 -8.74
CA PRO A 36 1.18 5.21 -8.14
C PRO A 36 1.49 3.72 -8.24
N ASP A 37 2.37 3.37 -9.17
CA ASP A 37 2.73 1.97 -9.33
C ASP A 37 3.43 1.47 -8.06
N TYR A 38 4.20 2.36 -7.41
CA TYR A 38 4.89 1.97 -6.19
C TYR A 38 5.64 3.16 -5.57
N GLU A 39 4.99 3.90 -4.68
CA GLU A 39 5.65 5.04 -4.02
C GLU A 39 5.26 5.14 -2.53
N PRO A 40 5.59 4.15 -1.73
CA PRO A 40 5.26 4.15 -0.27
C PRO A 40 6.06 5.18 0.52
N ILE A 41 6.60 6.17 -0.17
CA ILE A 41 7.42 7.22 0.47
C ILE A 41 6.80 8.61 0.24
N ARG A 42 5.52 8.65 -0.14
CA ARG A 42 4.82 9.91 -0.39
C ARG A 42 3.55 10.00 0.44
N LYS A 43 3.41 9.10 1.40
CA LYS A 43 2.22 9.07 2.26
C LYS A 43 2.60 9.14 3.74
N GLY A 44 3.45 10.11 4.07
CA GLY A 44 3.88 10.30 5.46
C GLY A 44 4.81 9.17 5.93
N GLN A 45 4.51 7.95 5.48
CA GLN A 45 5.33 6.79 5.85
C GLN A 45 5.81 6.89 7.30
N ARG A 46 4.92 6.58 8.21
CA ARG A 46 5.22 6.63 9.63
C ARG A 46 4.06 6.04 10.43
N ASP A 47 2.92 5.90 9.75
CA ASP A 47 1.73 5.34 10.38
C ASP A 47 1.88 3.85 10.62
N LEU A 48 2.85 3.23 9.93
CA LEU A 48 3.06 1.80 10.10
C LEU A 48 3.76 1.51 11.42
N TYR A 49 4.14 2.58 12.13
CA TYR A 49 4.80 2.44 13.44
C TYR A 49 3.86 2.88 14.56
N SER A 50 2.74 3.51 14.19
CA SER A 50 1.78 3.99 15.18
C SER A 50 1.17 2.84 15.99
N GLY A 51 0.67 1.83 15.28
CA GLY A 51 0.05 0.69 15.97
C GLY A 51 1.10 -0.08 16.76
N LEU A 52 2.30 -0.13 16.22
CA LEU A 52 3.40 -0.85 16.86
C LEU A 52 3.86 -0.15 18.14
N ASN A 53 3.82 1.18 18.14
CA ASN A 53 4.24 1.96 19.31
C ASN A 53 3.12 2.86 19.81
N GLN A 54 2.02 2.23 20.26
CA GLN A 54 0.88 3.00 20.76
C GLN A 54 1.27 3.81 22.00
N ARG A 55 2.58 3.97 22.21
CA ARG A 55 3.09 4.73 23.36
C ARG A 55 3.23 3.83 24.57
N ALA A 56 4.42 3.83 25.13
CA ALA A 56 4.73 3.01 26.31
C ALA A 56 4.79 1.53 25.93
N VAL A 57 5.73 1.20 25.04
CA VAL A 57 5.90 -0.18 24.59
C VAL A 57 7.29 -0.69 24.98
N CYS A 1 -4.74 -3.72 -5.36
CA CYS A 1 -4.21 -3.72 -6.74
C CYS A 1 -2.81 -3.12 -6.77
N SER A 2 -2.24 -3.00 -7.96
CA SER A 2 -0.88 -2.46 -8.11
C SER A 2 -0.91 -0.96 -8.41
N LYS A 3 -2.10 -0.38 -8.29
CA LYS A 3 -2.29 1.05 -8.55
C LYS A 3 -2.61 1.82 -7.27
N ASN A 4 -1.58 2.12 -6.50
CA ASN A 4 -1.74 2.90 -5.25
C ASN A 4 -2.15 2.00 -4.09
N ARG A 5 -3.18 1.18 -4.31
CA ARG A 5 -3.70 0.27 -3.28
C ARG A 5 -2.55 -0.22 -2.38
N LYS A 6 -1.44 -0.60 -3.01
CA LYS A 6 -0.27 -1.06 -2.26
C LYS A 6 -0.62 -2.20 -1.33
N ALA A 7 0.27 -3.19 -1.28
CA ALA A 7 0.07 -4.38 -0.44
C ALA A 7 -0.83 -5.38 -1.16
N LYS A 8 -1.08 -5.14 -2.44
CA LYS A 8 -1.93 -6.03 -3.23
C LYS A 8 -1.55 -7.51 -2.96
N ALA A 9 -2.58 -8.34 -2.85
CA ALA A 9 -2.38 -9.77 -2.59
C ALA A 9 -1.46 -9.98 -1.41
N LYS A 10 -2.00 -9.82 -0.21
CA LYS A 10 -1.21 -9.97 1.02
C LYS A 10 -2.12 -9.84 2.26
N PRO A 11 -2.77 -8.72 2.44
CA PRO A 11 -3.67 -8.50 3.61
C PRO A 11 -4.73 -9.58 3.73
N VAL A 12 -4.61 -10.38 4.79
CA VAL A 12 -5.56 -11.46 5.03
C VAL A 12 -6.93 -10.91 5.36
N THR A 13 -6.92 -9.87 6.17
CA THR A 13 -8.16 -9.24 6.57
C THR A 13 -8.92 -8.78 5.34
N ARG A 14 -8.17 -8.41 4.29
CA ARG A 14 -8.82 -7.96 3.06
C ARG A 14 -9.13 -9.15 2.14
N GLY A 15 -8.81 -10.37 2.56
CA GLY A 15 -9.08 -11.54 1.73
C GLY A 15 -8.07 -11.65 0.59
N THR A 16 -7.22 -10.63 0.46
CA THR A 16 -6.20 -10.64 -0.58
C THR A 16 -6.84 -10.45 -1.95
N GLY A 17 -8.01 -11.05 -2.13
CA GLY A 17 -8.72 -10.94 -3.40
C GLY A 17 -7.89 -11.52 -4.53
N ALA A 18 -8.54 -12.27 -5.41
CA ALA A 18 -7.87 -12.90 -6.55
C ALA A 18 -8.43 -12.39 -7.86
N GLY A 19 -8.86 -11.12 -7.87
CA GLY A 19 -9.43 -10.51 -9.07
C GLY A 19 -9.14 -9.01 -9.12
N SER A 20 -7.87 -8.64 -8.91
CA SER A 20 -7.47 -7.23 -8.95
C SER A 20 -6.92 -6.86 -10.32
N ARG A 21 -5.91 -7.59 -10.74
CA ARG A 21 -5.26 -7.38 -12.04
C ARG A 21 -4.75 -5.93 -12.15
N PRO A 22 -3.63 -5.71 -12.82
CA PRO A 22 -3.06 -4.33 -12.98
C PRO A 22 -3.88 -3.46 -13.94
N ARG A 23 -3.64 -3.62 -15.23
CA ARG A 23 -4.37 -2.86 -16.24
C ARG A 23 -4.50 -1.40 -15.81
N GLY A 24 -3.55 -0.56 -16.23
CA GLY A 24 -3.56 0.86 -15.89
C GLY A 24 -3.21 1.71 -17.10
N GLN A 25 -2.29 2.65 -16.90
CA GLN A 25 -1.88 3.54 -17.99
C GLN A 25 -1.31 2.73 -19.15
N ASN A 26 -2.21 2.28 -20.03
CA ASN A 26 -1.81 1.50 -21.21
C ASN A 26 -2.10 2.26 -22.50
N LYS A 27 -1.98 3.59 -22.44
CA LYS A 27 -2.24 4.44 -23.62
C LYS A 27 -0.98 5.22 -24.00
N GLU A 28 0.01 5.22 -23.11
CA GLU A 28 1.26 5.94 -23.35
C GLU A 28 2.28 5.00 -24.02
N ARG A 29 2.99 5.53 -25.03
CA ARG A 29 3.98 4.73 -25.75
C ARG A 29 5.04 4.15 -24.79
N PRO A 30 5.50 4.94 -23.84
CA PRO A 30 6.52 4.48 -22.85
C PRO A 30 5.92 3.45 -21.88
N PRO A 31 6.75 2.76 -21.15
CA PRO A 31 6.28 1.72 -20.17
C PRO A 31 5.57 2.36 -18.97
N PRO A 32 4.74 1.61 -18.28
CA PRO A 32 3.99 2.12 -17.10
C PRO A 32 4.93 2.38 -15.91
N VAL A 33 4.63 3.44 -15.16
CA VAL A 33 5.44 3.78 -14.00
C VAL A 33 4.81 4.92 -13.19
N PRO A 34 4.28 4.66 -12.02
CA PRO A 34 3.65 5.73 -11.20
C PRO A 34 4.70 6.58 -10.49
N ASN A 35 4.23 7.37 -9.54
CA ASN A 35 5.11 8.26 -8.76
C ASN A 35 4.66 8.31 -7.29
N PRO A 36 3.48 8.80 -7.01
CA PRO A 36 2.96 8.89 -5.60
C PRO A 36 2.92 7.53 -4.94
N ASP A 37 2.94 6.48 -5.74
CA ASP A 37 2.90 5.12 -5.20
C ASP A 37 4.20 4.84 -4.46
N TYR A 38 5.25 5.62 -4.77
CA TYR A 38 6.55 5.43 -4.12
C TYR A 38 6.84 6.59 -3.15
N GLU A 39 5.86 6.88 -2.29
CA GLU A 39 6.02 7.97 -1.30
C GLU A 39 5.77 7.44 0.12
N PRO A 40 6.43 6.38 0.51
CA PRO A 40 6.28 5.77 1.88
C PRO A 40 6.83 6.68 2.98
N ILE A 41 6.86 7.98 2.70
CA ILE A 41 7.36 8.97 3.66
C ILE A 41 6.21 9.63 4.41
N ARG A 42 4.99 9.23 4.09
CA ARG A 42 3.80 9.79 4.73
C ARG A 42 3.51 9.06 6.04
N LYS A 43 4.10 9.54 7.13
CA LYS A 43 3.89 8.92 8.44
C LYS A 43 4.53 9.77 9.55
N GLY A 44 3.74 10.14 10.56
CA GLY A 44 4.27 10.95 11.66
C GLY A 44 5.36 10.20 12.42
N GLN A 45 5.06 8.95 12.77
CA GLN A 45 6.02 8.13 13.51
C GLN A 45 6.47 8.86 14.76
N ARG A 46 5.66 8.79 15.80
CA ARG A 46 5.98 9.46 17.07
C ARG A 46 5.01 9.03 18.17
N ASP A 47 3.80 8.63 17.77
CA ASP A 47 2.79 8.20 18.73
C ASP A 47 2.85 6.69 18.93
N LEU A 48 3.76 6.05 18.20
CA LEU A 48 3.91 4.61 18.30
C LEU A 48 4.39 4.24 19.70
N TYR A 49 5.21 5.11 20.30
CA TYR A 49 5.73 4.85 21.64
C TYR A 49 4.59 4.82 22.66
N SER A 50 3.65 5.77 22.56
CA SER A 50 2.53 5.83 23.48
C SER A 50 1.64 4.59 23.33
N GLY A 51 1.38 4.21 22.09
CA GLY A 51 0.54 3.04 21.82
C GLY A 51 1.28 1.75 22.11
N LEU A 52 2.53 1.87 22.55
CA LEU A 52 3.34 0.68 22.85
C LEU A 52 2.98 0.11 24.23
N ASN A 53 2.22 0.87 25.01
CA ASN A 53 1.81 0.42 26.34
C ASN A 53 1.44 -1.06 26.32
N GLN A 54 0.94 -1.54 25.18
CA GLN A 54 0.54 -2.93 25.06
C GLN A 54 -0.26 -3.36 26.28
N ARG A 55 -0.68 -2.40 27.10
CA ARG A 55 -1.45 -2.70 28.29
C ARG A 55 -0.72 -3.72 29.15
N ALA A 56 -0.14 -3.25 30.26
CA ALA A 56 0.59 -4.13 31.18
C ALA A 56 1.34 -5.22 30.41
N VAL A 57 2.26 -4.79 29.56
CA VAL A 57 3.03 -5.73 28.75
C VAL A 57 3.49 -6.92 29.59
N CYS A 1 -1.18 -11.33 -6.58
CA CYS A 1 -2.51 -11.39 -5.90
C CYS A 1 -2.84 -10.02 -5.31
N SER A 2 -4.11 -9.65 -5.39
CA SER A 2 -4.56 -8.36 -4.88
C SER A 2 -3.82 -7.23 -5.59
N LYS A 3 -4.57 -6.29 -6.14
CA LYS A 3 -3.97 -5.14 -6.83
C LYS A 3 -4.37 -3.85 -6.14
N ASN A 4 -4.27 -3.86 -4.80
CA ASN A 4 -4.63 -2.69 -4.01
C ASN A 4 -4.52 -3.00 -2.52
N ARG A 5 -5.30 -3.97 -2.06
CA ARG A 5 -5.28 -4.35 -0.65
C ARG A 5 -3.89 -4.77 -0.21
N LYS A 6 -3.31 -5.74 -0.92
CA LYS A 6 -1.96 -6.22 -0.62
C LYS A 6 -1.90 -6.72 0.83
N ALA A 7 -1.22 -7.84 1.04
CA ALA A 7 -1.09 -8.42 2.40
C ALA A 7 -1.01 -7.30 3.44
N LYS A 8 -1.91 -7.35 4.42
CA LYS A 8 -1.95 -6.34 5.48
C LYS A 8 -1.95 -6.97 6.86
N ALA A 9 -2.23 -8.27 6.91
CA ALA A 9 -2.23 -8.98 8.19
C ALA A 9 -2.44 -10.48 7.98
N LYS A 10 -3.47 -10.86 7.20
CA LYS A 10 -3.74 -12.27 6.95
C LYS A 10 -4.94 -12.47 6.01
N PRO A 11 -5.99 -11.69 6.15
CA PRO A 11 -7.23 -11.84 5.31
C PRO A 11 -6.98 -11.91 3.80
N VAL A 12 -6.40 -13.02 3.39
CA VAL A 12 -6.14 -13.24 1.96
C VAL A 12 -7.43 -13.68 1.28
N THR A 13 -8.44 -13.98 2.08
CA THR A 13 -9.73 -14.42 1.58
C THR A 13 -10.33 -13.35 0.69
N ARG A 14 -9.76 -12.15 0.76
CA ARG A 14 -10.23 -11.01 -0.04
C ARG A 14 -10.78 -11.48 -1.39
N GLY A 15 -10.20 -12.54 -1.93
CA GLY A 15 -10.64 -13.11 -3.21
C GLY A 15 -10.78 -12.03 -4.29
N THR A 16 -9.87 -12.05 -5.26
CA THR A 16 -9.91 -11.09 -6.35
C THR A 16 -8.85 -11.43 -7.41
N GLY A 17 -9.28 -12.09 -8.50
CA GLY A 17 -8.34 -12.47 -9.56
C GLY A 17 -7.39 -11.32 -9.92
N ALA A 18 -7.72 -10.61 -11.00
CA ALA A 18 -6.88 -9.49 -11.43
C ALA A 18 -7.56 -8.74 -12.59
N GLY A 19 -7.84 -7.44 -12.41
CA GLY A 19 -8.49 -6.66 -13.46
C GLY A 19 -8.17 -5.17 -13.33
N SER A 20 -6.88 -4.83 -13.22
CA SER A 20 -6.47 -3.43 -13.06
C SER A 20 -6.27 -2.74 -14.41
N ARG A 21 -6.00 -3.55 -15.44
CA ARG A 21 -5.78 -3.02 -16.80
C ARG A 21 -5.14 -1.62 -16.77
N PRO A 22 -3.88 -1.54 -16.42
CA PRO A 22 -3.17 -0.24 -16.32
C PRO A 22 -3.27 0.60 -17.59
N ARG A 23 -2.81 0.05 -18.69
CA ARG A 23 -2.84 0.75 -19.99
C ARG A 23 -1.97 2.00 -19.96
N GLY A 24 -1.57 2.40 -18.77
CA GLY A 24 -0.74 3.59 -18.60
C GLY A 24 -0.89 4.16 -17.20
N GLN A 25 -1.98 4.90 -16.98
CA GLN A 25 -2.29 5.53 -15.69
C GLN A 25 -1.06 5.68 -14.80
N ASN A 26 -0.22 6.63 -15.14
CA ASN A 26 0.99 6.87 -14.36
C ASN A 26 1.62 8.20 -14.72
N LYS A 27 0.90 9.29 -14.46
CA LYS A 27 1.40 10.62 -14.78
C LYS A 27 1.78 10.71 -16.26
N GLU A 28 1.61 9.61 -16.99
CA GLU A 28 1.90 9.58 -18.41
C GLU A 28 3.27 10.19 -18.72
N ARG A 29 4.23 9.89 -17.86
CA ARG A 29 5.59 10.40 -18.02
C ARG A 29 6.59 9.42 -17.37
N PRO A 30 6.55 9.25 -16.07
CA PRO A 30 7.47 8.33 -15.34
C PRO A 30 7.32 6.88 -15.82
N PRO A 31 8.28 6.04 -15.48
CA PRO A 31 8.26 4.60 -15.87
C PRO A 31 6.84 4.01 -15.90
N PRO A 32 6.62 2.95 -16.64
CA PRO A 32 5.28 2.30 -16.73
C PRO A 32 4.81 1.79 -15.36
N VAL A 33 3.94 0.78 -15.37
CA VAL A 33 3.39 0.18 -14.15
C VAL A 33 2.79 1.26 -13.23
N PRO A 34 1.98 0.88 -12.26
CA PRO A 34 1.34 1.87 -11.33
C PRO A 34 2.39 2.69 -10.57
N ASN A 35 2.04 3.95 -10.26
CA ASN A 35 2.95 4.83 -9.53
C ASN A 35 2.66 4.78 -8.02
N PRO A 36 1.40 4.81 -7.65
CA PRO A 36 0.98 4.77 -6.21
C PRO A 36 1.49 3.51 -5.51
N ASP A 37 1.84 2.52 -6.31
CA ASP A 37 2.36 1.28 -5.74
C ASP A 37 3.77 1.51 -5.19
N TYR A 38 4.33 2.69 -5.48
CA TYR A 38 5.67 3.03 -5.02
C TYR A 38 5.80 4.56 -4.90
N GLU A 39 5.21 5.11 -3.84
CA GLU A 39 5.25 6.56 -3.59
C GLU A 39 4.58 6.95 -2.27
N PRO A 40 3.54 6.25 -1.84
CA PRO A 40 2.83 6.58 -0.55
C PRO A 40 3.73 6.45 0.69
N ILE A 41 5.03 6.64 0.49
CA ILE A 41 5.99 6.56 1.60
C ILE A 41 5.88 7.78 2.49
N ARG A 42 5.10 8.75 2.04
CA ARG A 42 4.92 9.99 2.79
C ARG A 42 4.55 9.68 4.24
N LYS A 43 3.73 8.65 4.39
CA LYS A 43 3.25 8.19 5.71
C LYS A 43 4.14 8.68 6.85
N GLY A 44 3.65 9.66 7.62
CA GLY A 44 4.40 10.24 8.74
C GLY A 44 5.35 9.23 9.40
N GLN A 45 4.79 8.14 9.89
CA GLN A 45 5.60 7.11 10.54
C GLN A 45 6.43 7.72 11.66
N ARG A 46 5.80 7.91 12.82
CA ARG A 46 6.49 8.48 13.97
C ARG A 46 5.63 8.37 15.22
N ASP A 47 4.31 8.40 15.03
CA ASP A 47 3.38 8.30 16.14
C ASP A 47 3.18 6.85 16.53
N LEU A 48 3.86 5.95 15.82
CA LEU A 48 3.74 4.53 16.11
C LEU A 48 4.62 4.17 17.30
N TYR A 49 5.33 5.17 17.83
CA TYR A 49 6.21 4.95 18.98
C TYR A 49 5.57 5.46 20.27
N SER A 50 4.48 6.20 20.13
CA SER A 50 3.77 6.75 21.29
C SER A 50 2.81 5.72 21.86
N GLY A 51 2.16 4.97 20.98
CA GLY A 51 1.20 3.95 21.42
C GLY A 51 1.91 2.78 22.11
N LEU A 52 3.17 2.57 21.77
CA LEU A 52 3.94 1.47 22.36
C LEU A 52 4.47 1.86 23.74
N ASN A 53 4.28 3.12 24.12
CA ASN A 53 4.73 3.57 25.44
C ASN A 53 4.36 2.57 26.52
N GLN A 54 3.35 1.75 26.24
CA GLN A 54 2.91 0.76 27.23
C GLN A 54 2.60 1.46 28.55
N ARG A 55 2.73 2.78 28.56
CA ARG A 55 2.44 3.56 29.77
C ARG A 55 3.42 3.19 30.88
N ALA A 56 4.45 4.01 31.06
CA ALA A 56 5.45 3.75 32.10
C ALA A 56 5.79 2.27 32.17
N VAL A 57 6.31 1.75 31.07
CA VAL A 57 6.68 0.34 31.00
C VAL A 57 5.49 -0.55 31.31
N CYS A 1 -7.08 -1.44 -2.16
CA CYS A 1 -7.00 -1.63 -3.63
C CYS A 1 -5.80 -0.85 -4.17
N SER A 2 -4.63 -1.49 -4.17
CA SER A 2 -3.42 -0.83 -4.67
C SER A 2 -3.44 -0.74 -6.19
N LYS A 3 -4.23 -1.60 -6.80
CA LYS A 3 -4.37 -1.66 -8.26
C LYS A 3 -3.08 -1.25 -8.97
N ASN A 4 -1.96 -1.54 -8.33
CA ASN A 4 -0.64 -1.24 -8.88
C ASN A 4 -0.30 0.26 -8.71
N ARG A 5 -1.32 1.06 -8.45
CA ARG A 5 -1.12 2.50 -8.27
C ARG A 5 -0.25 2.80 -7.06
N LYS A 6 -0.43 2.03 -5.98
CA LYS A 6 0.35 2.24 -4.76
C LYS A 6 0.85 0.92 -4.20
N ALA A 7 2.15 0.67 -4.32
CA ALA A 7 2.73 -0.57 -3.80
C ALA A 7 2.72 -0.54 -2.27
N LYS A 8 2.33 0.60 -1.73
CA LYS A 8 2.27 0.75 -0.27
C LYS A 8 1.19 -0.17 0.30
N ALA A 9 1.34 -0.54 1.58
CA ALA A 9 0.40 -1.43 2.29
C ALA A 9 0.94 -2.85 2.33
N LYS A 10 0.61 -3.56 3.41
CA LYS A 10 1.07 -4.94 3.58
C LYS A 10 0.29 -5.61 4.71
N PRO A 11 0.10 -4.94 5.82
CA PRO A 11 -0.66 -5.52 6.97
C PRO A 11 -2.09 -5.87 6.58
N VAL A 12 -2.57 -6.98 7.13
CA VAL A 12 -3.91 -7.43 6.84
C VAL A 12 -4.91 -6.35 7.17
N THR A 13 -4.65 -5.69 8.28
CA THR A 13 -5.49 -4.60 8.74
C THR A 13 -5.42 -3.43 7.77
N ARG A 14 -4.24 -3.20 7.20
CA ARG A 14 -4.09 -2.06 6.28
C ARG A 14 -4.93 -2.28 5.01
N GLY A 15 -5.29 -3.54 4.71
CA GLY A 15 -6.13 -3.83 3.52
C GLY A 15 -5.41 -4.73 2.52
N THR A 16 -4.11 -4.51 2.34
CA THR A 16 -3.35 -5.32 1.39
C THR A 16 -4.11 -5.46 0.07
N GLY A 17 -4.55 -4.33 -0.46
CA GLY A 17 -5.30 -4.34 -1.72
C GLY A 17 -6.50 -5.26 -1.59
N ALA A 18 -6.27 -6.56 -1.80
CA ALA A 18 -7.32 -7.57 -1.71
C ALA A 18 -8.07 -7.67 -3.04
N GLY A 19 -7.68 -8.62 -3.91
CA GLY A 19 -8.34 -8.76 -5.21
C GLY A 19 -7.92 -7.67 -6.18
N SER A 20 -6.64 -7.29 -6.14
CA SER A 20 -6.11 -6.25 -7.04
C SER A 20 -4.74 -6.65 -7.55
N ARG A 21 -4.69 -7.74 -8.31
CA ARG A 21 -3.43 -8.24 -8.86
C ARG A 21 -3.21 -7.69 -10.28
N PRO A 22 -1.97 -7.54 -10.70
CA PRO A 22 -1.69 -7.01 -12.08
C PRO A 22 -2.60 -7.64 -13.13
N ARG A 23 -3.52 -6.83 -13.62
CA ARG A 23 -4.47 -7.27 -14.64
C ARG A 23 -5.35 -6.12 -15.10
N GLY A 24 -5.52 -5.98 -16.42
CA GLY A 24 -6.36 -4.90 -16.99
C GLY A 24 -5.52 -3.89 -17.75
N GLN A 25 -4.68 -3.17 -17.03
CA GLN A 25 -3.82 -2.15 -17.65
C GLN A 25 -3.26 -2.62 -18.98
N ASN A 26 -4.02 -2.39 -20.05
CA ASN A 26 -3.60 -2.79 -21.40
C ASN A 26 -3.93 -1.68 -22.40
N LYS A 27 -3.63 -0.45 -22.01
CA LYS A 27 -3.87 0.71 -22.87
C LYS A 27 -3.09 0.59 -24.18
N GLU A 28 -1.74 0.50 -24.07
CA GLU A 28 -0.84 0.33 -25.23
C GLU A 28 0.51 1.02 -25.00
N ARG A 29 0.76 1.47 -23.78
CA ARG A 29 2.03 2.14 -23.45
C ARG A 29 2.78 1.33 -22.38
N PRO A 30 4.11 1.39 -22.36
CA PRO A 30 4.94 0.64 -21.37
C PRO A 30 4.32 0.67 -19.95
N PRO A 31 4.85 -0.11 -19.02
CA PRO A 31 4.31 -0.13 -17.62
C PRO A 31 4.22 1.28 -17.01
N PRO A 32 3.38 1.45 -16.02
CA PRO A 32 3.21 2.78 -15.33
C PRO A 32 4.41 3.12 -14.44
N VAL A 33 4.63 4.42 -14.22
CA VAL A 33 5.75 4.87 -13.39
C VAL A 33 5.34 6.10 -12.57
N PRO A 34 4.50 5.91 -11.59
CA PRO A 34 4.02 7.04 -10.73
C PRO A 34 5.17 7.69 -9.94
N ASN A 35 5.08 9.01 -9.77
CA ASN A 35 6.10 9.75 -9.03
C ASN A 35 5.66 9.96 -7.57
N PRO A 36 4.41 10.30 -7.36
CA PRO A 36 3.86 10.53 -5.99
C PRO A 36 4.02 9.31 -5.10
N ASP A 37 4.28 8.17 -5.72
CA ASP A 37 4.46 6.93 -4.97
C ASP A 37 5.88 6.85 -4.41
N TYR A 38 6.70 7.87 -4.70
CA TYR A 38 8.09 7.89 -4.19
C TYR A 38 8.25 8.97 -3.12
N GLU A 39 7.15 9.29 -2.44
CA GLU A 39 7.18 10.30 -1.38
C GLU A 39 6.60 9.73 -0.07
N PRO A 40 6.96 8.52 0.29
CA PRO A 40 6.48 7.88 1.55
C PRO A 40 7.12 8.52 2.78
N ILE A 41 7.48 9.78 2.65
CA ILE A 41 8.12 10.52 3.74
C ILE A 41 7.05 11.21 4.58
N ARG A 42 5.79 11.05 4.15
CA ARG A 42 4.67 11.66 4.87
C ARG A 42 4.01 10.65 5.81
N LYS A 43 4.47 10.62 7.05
CA LYS A 43 3.93 9.69 8.04
C LYS A 43 4.52 9.98 9.42
N GLY A 44 3.65 10.10 10.43
CA GLY A 44 4.12 10.39 11.80
C GLY A 44 4.97 9.25 12.37
N GLN A 45 4.47 8.03 12.28
CA GLN A 45 5.19 6.87 12.81
C GLN A 45 5.52 7.05 14.29
N ARG A 46 4.53 6.79 15.13
CA ARG A 46 4.69 6.88 16.58
C ARG A 46 3.55 6.15 17.29
N ASP A 47 2.41 6.06 16.63
CA ASP A 47 1.26 5.40 17.20
C ASP A 47 1.37 3.89 17.08
N LEU A 48 2.44 3.42 16.44
CA LEU A 48 2.62 1.97 16.28
C LEU A 48 2.75 1.32 17.66
N TYR A 49 3.35 2.03 18.61
CA TYR A 49 3.53 1.48 19.96
C TYR A 49 2.19 1.26 20.65
N SER A 50 1.23 2.15 20.43
CA SER A 50 -0.08 2.01 21.05
C SER A 50 -0.76 0.74 20.58
N GLY A 51 -0.65 0.46 19.28
CA GLY A 51 -1.26 -0.74 18.72
C GLY A 51 -0.41 -1.97 18.98
N LEU A 52 0.68 -1.79 19.72
CA LEU A 52 1.57 -2.90 20.04
C LEU A 52 0.82 -3.93 20.87
N ASN A 53 0.02 -3.46 21.82
CA ASN A 53 -0.76 -4.36 22.69
C ASN A 53 -1.24 -5.58 21.92
N GLN A 54 -1.58 -5.39 20.64
CA GLN A 54 -2.07 -6.50 19.80
C GLN A 54 -2.98 -7.43 20.59
N ARG A 55 -3.45 -6.95 21.73
CA ARG A 55 -4.33 -7.74 22.59
C ARG A 55 -3.57 -8.95 23.17
N ALA A 56 -3.51 -8.98 24.51
CA ALA A 56 -2.82 -10.06 25.27
C ALA A 56 -2.11 -11.04 24.36
N VAL A 57 -1.07 -10.54 23.70
CA VAL A 57 -0.27 -11.36 22.77
C VAL A 57 -0.18 -12.81 23.25
N CYS A 1 2.44 -3.78 -0.93
CA CYS A 1 1.18 -3.63 -1.71
C CYS A 1 0.30 -2.56 -1.07
N SER A 2 0.87 -1.36 -0.86
CA SER A 2 0.11 -0.26 -0.26
C SER A 2 -0.53 0.58 -1.36
N LYS A 3 -1.87 0.62 -1.34
CA LYS A 3 -2.67 1.37 -2.32
C LYS A 3 -1.83 2.32 -3.17
N ASN A 4 -1.08 1.72 -4.10
CA ASN A 4 -0.19 2.46 -5.01
C ASN A 4 0.99 3.05 -4.26
N ARG A 5 0.71 3.63 -3.10
CA ARG A 5 1.76 4.23 -2.29
C ARG A 5 2.94 3.27 -2.13
N LYS A 6 2.63 1.98 -2.08
CA LYS A 6 3.67 0.94 -1.94
C LYS A 6 4.73 1.38 -0.93
N ALA A 7 4.36 1.39 0.33
CA ALA A 7 5.27 1.78 1.39
C ALA A 7 4.74 1.34 2.76
N LYS A 8 3.56 1.83 3.16
CA LYS A 8 3.00 1.46 4.48
C LYS A 8 1.49 1.23 4.37
N ALA A 9 1.05 0.04 4.76
CA ALA A 9 -0.36 -0.34 4.73
C ALA A 9 -0.50 -1.85 4.65
N LYS A 10 -0.35 -2.52 5.79
CA LYS A 10 -0.48 -3.97 5.85
C LYS A 10 -1.19 -4.39 7.14
N PRO A 11 -2.46 -4.10 7.24
CA PRO A 11 -3.27 -4.46 8.45
C PRO A 11 -3.29 -5.95 8.72
N VAL A 12 -2.98 -6.72 7.70
CA VAL A 12 -2.97 -8.19 7.79
C VAL A 12 -4.37 -8.71 8.04
N THR A 13 -5.05 -8.06 8.95
CA THR A 13 -6.41 -8.45 9.28
C THR A 13 -7.36 -8.03 8.18
N ARG A 14 -6.98 -7.00 7.41
CA ARG A 14 -7.85 -6.53 6.31
C ARG A 14 -7.28 -6.90 4.94
N GLY A 15 -6.45 -7.93 4.89
CA GLY A 15 -5.85 -8.37 3.62
C GLY A 15 -5.40 -7.17 2.79
N THR A 16 -5.29 -6.02 3.43
CA THR A 16 -4.88 -4.79 2.74
C THR A 16 -5.92 -4.40 1.69
N GLY A 17 -6.08 -5.24 0.68
CA GLY A 17 -7.04 -4.99 -0.39
C GLY A 17 -6.34 -5.00 -1.74
N ALA A 18 -6.39 -6.12 -2.43
CA ALA A 18 -5.74 -6.25 -3.72
C ALA A 18 -6.38 -5.29 -4.74
N GLY A 19 -6.17 -4.00 -4.52
CA GLY A 19 -6.72 -2.96 -5.42
C GLY A 19 -5.74 -2.59 -6.52
N SER A 20 -4.52 -2.22 -6.12
CA SER A 20 -3.49 -1.83 -7.08
C SER A 20 -2.93 -3.05 -7.80
N ARG A 21 -3.43 -4.23 -7.41
CA ARG A 21 -2.99 -5.49 -8.00
C ARG A 21 -2.77 -5.34 -9.51
N PRO A 22 -1.82 -6.02 -10.09
CA PRO A 22 -1.56 -5.93 -11.55
C PRO A 22 -2.88 -5.88 -12.35
N ARG A 23 -3.26 -4.67 -12.73
CA ARG A 23 -4.49 -4.47 -13.50
C ARG A 23 -4.17 -4.48 -15.00
N GLY A 24 -4.99 -5.21 -15.77
CA GLY A 24 -4.77 -5.30 -17.22
C GLY A 24 -4.28 -3.98 -17.80
N GLN A 25 -5.20 -3.03 -18.00
CA GLN A 25 -4.84 -1.72 -18.56
C GLN A 25 -3.80 -1.88 -19.66
N ASN A 26 -4.17 -2.61 -20.71
CA ASN A 26 -3.24 -2.84 -21.82
C ASN A 26 -4.02 -3.07 -23.11
N LYS A 27 -4.88 -2.13 -23.44
CA LYS A 27 -5.68 -2.23 -24.65
C LYS A 27 -4.78 -2.19 -25.89
N GLU A 28 -3.74 -1.37 -25.84
CA GLU A 28 -2.81 -1.24 -26.96
C GLU A 28 -1.65 -0.33 -26.58
N ARG A 29 -1.39 -0.19 -25.28
CA ARG A 29 -0.32 0.68 -24.79
C ARG A 29 0.71 -0.12 -23.97
N PRO A 30 1.99 0.24 -24.04
CA PRO A 30 3.07 -0.47 -23.28
C PRO A 30 2.90 -0.32 -21.76
N PRO A 31 3.59 -1.13 -20.99
CA PRO A 31 3.54 -1.08 -19.50
C PRO A 31 3.33 0.35 -18.98
N PRO A 32 2.83 0.51 -17.77
CA PRO A 32 2.60 1.85 -17.17
C PRO A 32 3.89 2.62 -16.87
N VAL A 33 3.71 3.92 -16.68
CA VAL A 33 4.82 4.84 -16.37
C VAL A 33 4.55 5.64 -15.08
N PRO A 34 3.32 5.99 -14.76
CA PRO A 34 3.02 6.76 -13.52
C PRO A 34 3.53 6.05 -12.26
N ASN A 35 3.88 6.84 -11.25
CA ASN A 35 4.41 6.28 -10.00
C ASN A 35 4.41 7.33 -8.89
N PRO A 36 3.26 7.62 -8.34
CA PRO A 36 3.11 8.62 -7.24
C PRO A 36 3.92 8.24 -6.00
N ASP A 37 4.22 6.95 -5.87
CA ASP A 37 5.01 6.48 -4.74
C ASP A 37 6.30 7.28 -4.64
N TYR A 38 6.57 8.11 -5.65
CA TYR A 38 7.79 8.93 -5.66
C TYR A 38 7.80 9.85 -4.45
N GLU A 39 6.71 9.81 -3.67
CA GLU A 39 6.59 10.65 -2.48
C GLU A 39 6.38 9.82 -1.21
N PRO A 40 7.35 9.05 -0.77
CA PRO A 40 7.25 8.24 0.47
C PRO A 40 7.62 9.04 1.72
N ILE A 41 7.42 10.35 1.64
CA ILE A 41 7.73 11.26 2.77
C ILE A 41 6.45 11.89 3.31
N ARG A 42 5.32 11.22 3.09
CA ARG A 42 4.01 11.72 3.56
C ARG A 42 3.36 10.74 4.56
N LYS A 43 3.91 10.66 5.77
CA LYS A 43 3.36 9.77 6.79
C LYS A 43 4.04 9.99 8.14
N GLY A 44 3.24 10.00 9.22
CA GLY A 44 3.78 10.20 10.57
C GLY A 44 4.59 9.00 11.06
N GLN A 45 3.99 7.81 10.98
CA GLN A 45 4.67 6.60 11.43
C GLN A 45 5.16 6.75 12.87
N ARG A 46 4.22 6.74 13.79
CA ARG A 46 4.52 6.87 15.22
C ARG A 46 3.44 6.21 16.06
N ASP A 47 2.31 5.91 15.43
CA ASP A 47 1.19 5.27 16.13
C ASP A 47 1.37 3.76 16.13
N LEU A 48 2.43 3.30 15.49
CA LEU A 48 2.69 1.86 15.43
C LEU A 48 2.85 1.31 16.85
N TYR A 49 3.33 2.16 17.76
CA TYR A 49 3.54 1.73 19.15
C TYR A 49 2.22 1.32 19.80
N SER A 50 1.16 2.10 19.59
CA SER A 50 -0.13 1.80 20.17
C SER A 50 -0.73 0.55 19.53
N GLY A 51 -0.57 0.43 18.23
CA GLY A 51 -1.09 -0.72 17.49
C GLY A 51 -0.31 -1.98 17.83
N LEU A 52 0.63 -1.86 18.75
CA LEU A 52 1.46 -3.00 19.15
C LEU A 52 0.64 -3.99 20.01
N ASN A 53 -0.41 -3.49 20.64
CA ASN A 53 -1.26 -4.34 21.48
C ASN A 53 -1.39 -5.75 20.91
N GLN A 54 -1.33 -5.85 19.59
CA GLN A 54 -1.45 -7.15 18.93
C GLN A 54 -2.76 -7.85 19.31
N ARG A 55 -3.48 -7.28 20.28
CA ARG A 55 -4.75 -7.87 20.72
C ARG A 55 -4.53 -9.27 21.28
N ALA A 56 -3.67 -9.38 22.29
CA ALA A 56 -3.38 -10.67 22.94
C ALA A 56 -3.50 -11.84 21.96
N VAL A 57 -2.45 -12.04 21.17
CA VAL A 57 -2.42 -13.12 20.18
C VAL A 57 -3.20 -14.35 20.65
#